data_4HPJ
#
_entry.id   4HPJ
#
_cell.length_a   184.329
_cell.length_b   59.716
_cell.length_c   67.527
_cell.angle_alpha   90.00
_cell.angle_beta   94.68
_cell.angle_gamma   90.00
#
_symmetry.space_group_name_H-M   'C 1 2 1'
#
loop_
_entity.id
_entity.type
_entity.pdbx_description
1 polymer 'Tryptophan synthase alpha chain'
2 polymer 'Tryptophan synthase beta chain'
3 non-polymer '2-({[4-(TRIFLUOROMETHOXY)PHENYL]SULFONYL}AMINO)ETHYL DIHYDROGEN PHOSPHATE'
4 non-polymer 'CHLORIDE ION'
5 non-polymer '(2E)-2-[({3-hydroxy-2-methyl-5-[(phosphonooxy)methyl]pyridin-4-yl}methyl)imino]-3-[(2-hydroxyphenyl)amino]propanoic acid'
6 non-polymer BICINE
7 non-polymer DI(HYDROXYETHYL)ETHER
8 non-polymer 'CESIUM ION'
9 water water
#
loop_
_entity_poly.entity_id
_entity_poly.type
_entity_poly.pdbx_seq_one_letter_code
_entity_poly.pdbx_strand_id
1 'polypeptide(L)'
;MERYENLFAQLNDRREGAFVPFVTLGDPGIEQSLKIIDTLIDAGADALELGVPFSDPLADGPTIQNANLRAFAAGVTPAQ
CFEMLALIREKHPTIPIGLLMYANLVFNNGIDAFYARCEQVGVDSVLVADVPVEESAPFRQAALRHNIAPIFICPPNADD
DLLRQVASYGRGYTYLLSRSGVTGAENRGALPLHHLIEKLKEYHAAPALQGFGISSPEQVSAAVRAGAAGAISGSAIVKI
IEKNLASPKQMLAELRSFVSAMKAASRA
;
A
2 'polypeptide(L)'
;MTTLLNPYFGEFGGMYVPQILMPALNQLEEAFVSAQKDPEFQAQFADLLKNYAGRPTALTKCQNITAGTRTTLYLKREDL
LHGGAHKTNQVLGQALLAKRMGKSEIIAETGAGQHGVASALASALLGLKCRIYMGAKDVERQSPNVFRMRLMGAEVIPVH
SGSATLKDACNEALRDWSGSYETAHYMLGTAAGPHPYPTIVREFQRMIGEETKAQILDKEGRLPDAVIACVGGGSNAIGM
FADFINDTSVGLIGVEPGGHGIETGEHGAPLKHGRVGIYFGMKAPMMQTADGQIEESYSISAGLDFPSVGPQHAYLNSIG
RADYVSITDDEALEAFKTLCRHEGIIPALESSHALAHALKMMREQPEKEQLLVVNLSGRGDKDIFTVHDILKARGEI
;
B
#
loop_
_chem_comp.id
_chem_comp.type
_chem_comp.name
_chem_comp.formula
1D0 non-polymer '(2E)-2-[({3-hydroxy-2-methyl-5-[(phosphonooxy)methyl]pyridin-4-yl}methyl)imino]-3-[(2-hydroxyphenyl)amino]propanoic acid' 'C17 H20 N3 O8 P'
BCN non-polymer BICINE 'C6 H13 N O4'
CL non-polymer 'CHLORIDE ION' 'Cl -1'
CS non-polymer 'CESIUM ION' 'Cs 1'
F9F non-polymer '2-({[4-(TRIFLUOROMETHOXY)PHENYL]SULFONYL}AMINO)ETHYL DIHYDROGEN PHOSPHATE' 'C9 H11 F3 N O7 P S'
PEG non-polymer DI(HYDROXYETHYL)ETHER 'C4 H10 O3'
#
# COMPACT_ATOMS: atom_id res chain seq x y z
N MET A 1 -23.15 25.45 1.89
CA MET A 1 -23.61 25.95 0.56
C MET A 1 -24.17 24.81 -0.30
N GLU A 2 -24.76 25.16 -1.44
CA GLU A 2 -25.34 24.18 -2.35
CA GLU A 2 -25.33 24.18 -2.36
C GLU A 2 -24.77 24.35 -3.77
N ARG A 3 -23.44 24.54 -3.88
CA ARG A 3 -22.85 24.86 -5.19
C ARG A 3 -23.02 23.79 -6.28
N TYR A 4 -22.92 22.50 -5.94
CA TYR A 4 -23.17 21.48 -6.97
C TYR A 4 -24.63 21.45 -7.38
N GLU A 5 -25.52 21.53 -6.38
CA GLU A 5 -26.95 21.48 -6.61
CA GLU A 5 -26.95 21.48 -6.61
C GLU A 5 -27.36 22.63 -7.53
N ASN A 6 -26.82 23.81 -7.26
CA ASN A 6 -27.12 24.97 -8.11
C ASN A 6 -26.57 24.80 -9.52
N LEU A 7 -25.35 24.27 -9.64
CA LEU A 7 -24.74 24.05 -10.95
C LEU A 7 -25.54 23.07 -11.80
N PHE A 8 -25.89 21.93 -11.22
CA PHE A 8 -26.60 20.90 -11.98
C PHE A 8 -28.00 21.36 -12.39
N ALA A 9 -28.67 22.14 -11.54
CA ALA A 9 -29.97 22.71 -11.91
C ALA A 9 -29.82 23.69 -13.09
N GLN A 10 -28.76 24.48 -13.10
CA GLN A 10 -28.51 25.44 -14.19
C GLN A 10 -28.20 24.68 -15.48
N LEU A 11 -27.37 23.64 -15.37
CA LEU A 11 -26.99 22.82 -16.53
C LEU A 11 -28.19 22.07 -17.11
N ASN A 12 -29.05 21.56 -16.23
CA ASN A 12 -30.27 20.88 -16.65
C ASN A 12 -31.18 21.81 -17.44
N ASP A 13 -31.33 23.04 -16.95
CA ASP A 13 -32.17 24.05 -17.62
C ASP A 13 -31.61 24.37 -19.01
N ARG A 14 -30.29 24.40 -19.12
CA ARG A 14 -29.64 24.66 -20.40
C ARG A 14 -29.46 23.38 -21.22
N ARG A 15 -29.91 22.25 -20.67
CA ARG A 15 -29.81 20.93 -21.30
C ARG A 15 -28.37 20.57 -21.71
N GLU A 16 -27.42 20.83 -20.81
CA GLU A 16 -26.04 20.46 -21.10
C GLU A 16 -25.40 19.71 -19.95
N GLY A 17 -24.28 19.05 -20.24
CA GLY A 17 -23.48 18.40 -19.21
C GLY A 17 -22.35 19.27 -18.70
N ALA A 18 -21.77 18.83 -17.58
CA ALA A 18 -20.65 19.50 -16.97
C ALA A 18 -19.34 19.00 -17.56
N PHE A 19 -18.39 19.91 -17.72
CA PHE A 19 -17.03 19.48 -17.96
C PHE A 19 -16.15 19.97 -16.82
N VAL A 20 -15.44 19.02 -16.19
CA VAL A 20 -14.74 19.26 -14.94
C VAL A 20 -13.29 18.86 -15.10
N PRO A 21 -12.38 19.85 -15.26
CA PRO A 21 -10.98 19.46 -15.31
C PRO A 21 -10.39 19.12 -13.95
N PHE A 22 -9.36 18.28 -13.94
CA PHE A 22 -8.54 18.03 -12.75
C PHE A 22 -7.13 18.57 -12.97
N VAL A 23 -6.60 19.26 -11.97
CA VAL A 23 -5.16 19.52 -11.91
C VAL A 23 -4.67 19.32 -10.50
N THR A 24 -3.35 19.14 -10.37
CA THR A 24 -2.68 19.12 -9.09
C THR A 24 -2.39 20.56 -8.64
N LEU A 25 -2.82 20.89 -7.42
CA LEU A 25 -2.55 22.23 -6.87
C LEU A 25 -1.04 22.44 -6.73
N GLY A 26 -0.55 23.59 -7.20
CA GLY A 26 0.87 23.95 -7.08
C GLY A 26 1.77 23.37 -8.17
N ASP A 27 1.19 22.74 -9.19
CA ASP A 27 1.97 22.23 -10.33
C ASP A 27 1.86 23.24 -11.48
N PRO A 28 2.99 23.80 -11.95
CA PRO A 28 4.38 23.50 -11.60
C PRO A 28 4.95 24.43 -10.53
N GLY A 29 4.15 25.41 -10.11
CA GLY A 29 4.44 26.18 -8.91
C GLY A 29 3.15 26.85 -8.49
N ILE A 30 3.16 27.52 -7.34
CA ILE A 30 1.95 28.16 -6.80
C ILE A 30 1.39 29.20 -7.78
N GLU A 31 2.22 30.13 -8.23
CA GLU A 31 1.74 31.23 -9.07
C GLU A 31 1.23 30.72 -10.40
N GLN A 32 2.00 29.80 -11.03
CA GLN A 32 1.58 29.27 -12.33
C GLN A 32 0.32 28.41 -12.22
N SER A 33 0.20 27.63 -11.13
CA SER A 33 -1.00 26.84 -10.91
C SER A 33 -2.24 27.71 -10.79
N LEU A 34 -2.11 28.83 -10.08
CA LEU A 34 -3.24 29.76 -9.94
C LEU A 34 -3.67 30.32 -11.29
N LYS A 35 -2.68 30.61 -12.15
CA LYS A 35 -2.98 31.13 -13.50
C LYS A 35 -3.64 30.03 -14.35
N ILE A 36 -3.13 28.80 -14.25
CA ILE A 36 -3.69 27.66 -14.96
C ILE A 36 -5.17 27.50 -14.57
N ILE A 37 -5.45 27.55 -13.27
CA ILE A 37 -6.82 27.37 -12.79
C ILE A 37 -7.73 28.50 -13.29
N ASP A 38 -7.25 29.74 -13.29
CA ASP A 38 -8.04 30.86 -13.83
C ASP A 38 -8.34 30.66 -15.32
N THR A 39 -7.35 30.14 -16.06
CA THR A 39 -7.53 29.83 -17.48
C THR A 39 -8.54 28.73 -17.71
N LEU A 40 -8.50 27.69 -16.89
CA LEU A 40 -9.49 26.59 -16.99
C LEU A 40 -10.92 27.11 -16.84
N ILE A 41 -11.12 27.95 -15.84
CA ILE A 41 -12.42 28.60 -15.56
C ILE A 41 -12.83 29.52 -16.72
N ASP A 42 -11.91 30.39 -17.14
CA ASP A 42 -12.24 31.30 -18.23
C ASP A 42 -12.60 30.58 -19.52
N ALA A 43 -12.02 29.39 -19.72
CA ALA A 43 -12.23 28.63 -20.96
C ALA A 43 -13.51 27.80 -20.91
N GLY A 44 -14.18 27.77 -19.76
CA GLY A 44 -15.46 27.06 -19.66
C GLY A 44 -15.65 25.95 -18.65
N ALA A 45 -14.66 25.68 -17.81
CA ALA A 45 -14.84 24.64 -16.79
C ALA A 45 -16.08 24.93 -15.94
N ASP A 46 -16.92 23.92 -15.72
CA ASP A 46 -18.11 24.08 -14.89
C ASP A 46 -17.83 23.89 -13.41
N ALA A 47 -16.80 23.11 -13.12
CA ALA A 47 -16.43 22.77 -11.75
C ALA A 47 -14.98 22.38 -11.81
N LEU A 48 -14.34 22.26 -10.65
CA LEU A 48 -12.94 21.86 -10.60
C LEU A 48 -12.76 20.67 -9.69
N GLU A 49 -11.83 19.80 -10.08
CA GLU A 49 -11.31 18.76 -9.20
C GLU A 49 -9.82 19.05 -9.02
N LEU A 50 -9.39 19.23 -7.77
CA LEU A 50 -8.05 19.70 -7.48
C LEU A 50 -7.35 18.74 -6.54
N GLY A 51 -6.14 18.34 -6.94
CA GLY A 51 -5.37 17.34 -6.17
C GLY A 51 -4.47 18.04 -5.18
N VAL A 52 -4.41 17.50 -3.96
CA VAL A 52 -3.39 17.97 -3.02
C VAL A 52 -2.16 17.04 -3.15
N PRO A 53 -0.95 17.62 -3.35
CA PRO A 53 0.16 16.69 -3.59
C PRO A 53 0.37 15.71 -2.43
N PHE A 54 0.61 14.46 -2.78
CA PHE A 54 0.77 13.37 -1.80
C PHE A 54 1.95 12.51 -2.23
N SER A 55 2.69 12.03 -1.25
CA SER A 55 3.93 11.29 -1.49
C SER A 55 3.73 9.98 -2.26
N ASP A 56 2.61 9.33 -2.04
CA ASP A 56 2.38 8.02 -2.63
C ASP A 56 0.97 7.83 -3.19
N PRO A 57 0.71 8.44 -4.33
CA PRO A 57 -0.63 8.47 -4.87
C PRO A 57 -1.04 7.23 -5.62
N LEU A 58 -1.66 6.32 -4.91
CA LEU A 58 -1.80 5.02 -5.50
CA LEU A 58 -1.78 5.03 -5.51
C LEU A 58 -2.93 4.83 -6.48
N ALA A 59 -3.86 5.72 -6.67
CA ALA A 59 -4.80 5.60 -7.76
C ALA A 59 -4.36 6.37 -8.99
N ASP A 60 -3.13 6.88 -8.97
CA ASP A 60 -2.66 7.71 -10.09
C ASP A 60 -1.55 7.07 -10.91
N GLY A 61 -1.68 7.22 -12.24
CA GLY A 61 -0.66 6.81 -13.18
C GLY A 61 0.47 7.83 -13.30
N PRO A 62 1.47 7.52 -14.15
CA PRO A 62 2.66 8.35 -14.21
C PRO A 62 2.40 9.83 -14.49
N THR A 63 1.43 10.18 -15.35
CA THR A 63 1.20 11.60 -15.63
C THR A 63 0.94 12.42 -14.35
N ILE A 64 -0.01 11.94 -13.55
CA ILE A 64 -0.36 12.65 -12.32
C ILE A 64 0.67 12.42 -11.19
N GLN A 65 1.29 11.23 -11.15
CA GLN A 65 2.47 11.06 -10.27
C GLN A 65 3.49 12.17 -10.50
N ASN A 66 3.76 12.47 -11.77
CA ASN A 66 4.78 13.47 -12.10
C ASN A 66 4.33 14.91 -11.79
N ALA A 67 3.02 15.17 -11.87
CA ALA A 67 2.46 16.43 -11.40
C ALA A 67 2.70 16.63 -9.91
N ASN A 68 2.41 15.58 -9.11
CA ASN A 68 2.68 15.61 -7.67
CA ASN A 68 2.71 15.64 -7.69
C ASN A 68 4.16 15.94 -7.42
N LEU A 69 5.05 15.26 -8.14
CA LEU A 69 6.48 15.49 -8.00
C LEU A 69 6.88 16.94 -8.31
N ARG A 70 6.31 17.53 -9.37
CA ARG A 70 6.62 18.94 -9.70
C ARG A 70 6.18 19.88 -8.58
N ALA A 71 5.01 19.61 -8.02
CA ALA A 71 4.53 20.47 -6.93
C ALA A 71 5.45 20.37 -5.73
N PHE A 72 5.91 19.16 -5.40
CA PHE A 72 6.83 18.97 -4.28
C PHE A 72 8.17 19.65 -4.56
N ALA A 73 8.62 19.60 -5.81
CA ALA A 73 9.86 20.27 -6.19
C ALA A 73 9.74 21.79 -6.00
N ALA A 74 8.51 22.29 -6.09
CA ALA A 74 8.23 23.69 -5.83
C ALA A 74 7.93 23.97 -4.35
N GLY A 75 8.04 22.94 -3.51
CA GLY A 75 7.87 23.04 -2.05
C GLY A 75 6.42 23.14 -1.59
N VAL A 76 5.49 22.70 -2.43
CA VAL A 76 4.06 22.78 -2.11
C VAL A 76 3.66 21.83 -0.93
N THR A 77 2.98 22.39 0.07
CA THR A 77 2.47 21.64 1.22
C THR A 77 0.96 21.74 1.25
N PRO A 78 0.29 20.85 2.00
CA PRO A 78 -1.16 21.00 2.19
C PRO A 78 -1.57 22.40 2.71
N ALA A 79 -0.78 22.99 3.61
CA ALA A 79 -1.08 24.34 4.13
C ALA A 79 -1.11 25.35 2.99
N GLN A 80 -0.15 25.24 2.09
CA GLN A 80 -0.11 26.15 0.95
C GLN A 80 -1.29 25.88 0.00
N CYS A 81 -1.72 24.63 -0.08
CA CYS A 81 -2.91 24.26 -0.86
C CYS A 81 -4.15 24.94 -0.30
N PHE A 82 -4.28 25.01 1.02
CA PHE A 82 -5.44 25.70 1.61
C PHE A 82 -5.43 27.20 1.35
N GLU A 83 -4.23 27.81 1.37
CA GLU A 83 -4.08 29.21 0.97
C GLU A 83 -4.51 29.43 -0.50
N MET A 84 -4.08 28.55 -1.40
CA MET A 84 -4.51 28.61 -2.79
C MET A 84 -6.03 28.51 -2.90
N LEU A 85 -6.63 27.54 -2.18
CA LEU A 85 -8.05 27.32 -2.28
C LEU A 85 -8.82 28.56 -1.90
N ALA A 86 -8.38 29.22 -0.82
CA ALA A 86 -9.00 30.47 -0.35
C ALA A 86 -8.97 31.54 -1.43
N LEU A 87 -7.83 31.65 -2.10
CA LEU A 87 -7.66 32.64 -3.17
C LEU A 87 -8.54 32.34 -4.40
N ILE A 88 -8.65 31.06 -4.75
CA ILE A 88 -9.53 30.64 -5.85
C ILE A 88 -11.00 30.97 -5.55
N ARG A 89 -11.45 30.58 -4.36
CA ARG A 89 -12.83 30.86 -3.95
C ARG A 89 -13.14 32.36 -3.89
N GLU A 90 -12.18 33.16 -3.42
CA GLU A 90 -12.37 34.62 -3.35
C GLU A 90 -12.61 35.25 -4.74
N LYS A 91 -12.01 34.66 -5.78
CA LYS A 91 -12.16 35.14 -7.17
C LYS A 91 -13.42 34.61 -7.85
N HIS A 92 -13.86 33.42 -7.43
CA HIS A 92 -14.86 32.63 -8.15
C HIS A 92 -15.86 32.10 -7.16
N PRO A 93 -16.93 32.87 -6.89
CA PRO A 93 -17.77 32.50 -5.74
C PRO A 93 -18.74 31.32 -5.93
N THR A 94 -19.07 30.97 -7.17
CA THR A 94 -20.12 29.96 -7.39
C THR A 94 -19.60 28.63 -7.93
N ILE A 95 -18.40 28.63 -8.54
CA ILE A 95 -17.90 27.39 -9.14
C ILE A 95 -17.70 26.32 -8.05
N PRO A 96 -18.27 25.11 -8.24
CA PRO A 96 -17.99 24.02 -7.30
C PRO A 96 -16.53 23.59 -7.35
N ILE A 97 -15.94 23.44 -6.16
CA ILE A 97 -14.55 23.05 -6.03
C ILE A 97 -14.50 21.74 -5.24
N GLY A 98 -13.91 20.72 -5.86
CA GLY A 98 -13.79 19.40 -5.20
C GLY A 98 -12.32 19.12 -5.02
N LEU A 99 -11.99 18.49 -3.89
CA LEU A 99 -10.62 18.04 -3.66
C LEU A 99 -10.48 16.54 -3.89
N LEU A 100 -9.36 16.16 -4.49
CA LEU A 100 -8.97 14.75 -4.56
C LEU A 100 -7.89 14.56 -3.48
N MET A 101 -8.26 13.80 -2.46
CA MET A 101 -7.43 13.50 -1.27
C MET A 101 -7.10 12.01 -1.15
N TYR A 102 -5.93 11.75 -0.58
CA TYR A 102 -5.57 10.44 -0.09
C TYR A 102 -5.81 10.44 1.41
N ALA A 103 -6.23 9.29 1.95
CA ALA A 103 -6.71 9.19 3.33
C ALA A 103 -5.78 9.74 4.36
N ASN A 104 -4.48 9.47 4.22
CA ASN A 104 -3.60 9.90 5.28
C ASN A 104 -3.55 11.40 5.43
N LEU A 105 -3.75 12.14 4.34
CA LEU A 105 -3.74 13.59 4.46
C LEU A 105 -4.95 14.13 5.17
N VAL A 106 -6.05 13.37 5.15
CA VAL A 106 -7.28 13.77 5.83
C VAL A 106 -7.21 13.35 7.29
N PHE A 107 -6.70 12.13 7.51
CA PHE A 107 -6.63 11.51 8.83
C PHE A 107 -5.55 12.16 9.70
N ASN A 108 -4.50 12.68 9.06
CA ASN A 108 -3.29 13.18 9.73
C ASN A 108 -3.47 13.99 11.01
N ASN A 109 -4.02 15.18 10.92
CA ASN A 109 -4.09 15.92 12.16
C ASN A 109 -5.50 15.92 12.73
N GLY A 110 -6.28 14.90 12.34
CA GLY A 110 -7.67 14.79 12.77
C GLY A 110 -8.64 14.99 11.61
N ILE A 111 -9.52 14.02 11.40
CA ILE A 111 -10.48 14.06 10.28
C ILE A 111 -11.43 15.29 10.40
N ASP A 112 -11.96 15.49 11.60
CA ASP A 112 -12.87 16.60 11.80
C ASP A 112 -12.20 17.93 11.46
N ALA A 113 -10.96 18.14 11.94
CA ALA A 113 -10.23 19.36 11.67
C ALA A 113 -9.96 19.56 10.19
N PHE A 114 -9.78 18.46 9.44
CA PHE A 114 -9.52 18.60 8.00
C PHE A 114 -10.74 19.19 7.30
N TYR A 115 -11.90 18.61 7.55
CA TYR A 115 -13.15 19.05 6.92
C TYR A 115 -13.53 20.44 7.39
N ALA A 116 -13.18 20.79 8.62
CA ALA A 116 -13.44 22.16 9.10
C ALA A 116 -12.58 23.18 8.29
N ARG A 117 -11.32 22.83 7.99
CA ARG A 117 -10.47 23.69 7.16
CA ARG A 117 -10.47 23.68 7.17
C ARG A 117 -11.04 23.81 5.76
N CYS A 118 -11.58 22.71 5.23
CA CYS A 118 -12.21 22.76 3.89
C CYS A 118 -13.38 23.72 3.85
N GLU A 119 -14.25 23.64 4.86
CA GLU A 119 -15.39 24.54 4.94
C GLU A 119 -14.94 26.02 5.01
N GLN A 120 -13.90 26.31 5.80
CA GLN A 120 -13.46 27.69 5.99
CA GLN A 120 -13.39 27.66 6.01
C GLN A 120 -12.93 28.30 4.70
N VAL A 121 -12.33 27.50 3.81
CA VAL A 121 -11.80 28.06 2.55
C VAL A 121 -12.82 27.98 1.42
N GLY A 122 -13.95 27.31 1.66
CA GLY A 122 -15.03 27.26 0.68
C GLY A 122 -14.97 26.14 -0.33
N VAL A 123 -14.34 25.02 0.06
CA VAL A 123 -14.40 23.77 -0.73
C VAL A 123 -15.82 23.19 -0.66
N ASP A 124 -16.25 22.56 -1.76
CA ASP A 124 -17.59 21.97 -1.82
C ASP A 124 -17.68 20.47 -1.63
N SER A 125 -16.64 19.76 -2.05
CA SER A 125 -16.65 18.31 -1.94
C SER A 125 -15.24 17.80 -1.74
N VAL A 126 -15.16 16.61 -1.17
CA VAL A 126 -13.92 15.89 -0.97
C VAL A 126 -14.13 14.42 -1.36
N LEU A 127 -13.27 13.93 -2.24
CA LEU A 127 -13.22 12.53 -2.65
C LEU A 127 -11.96 11.96 -2.03
N VAL A 128 -12.12 11.00 -1.13
CA VAL A 128 -10.97 10.33 -0.52
C VAL A 128 -10.73 9.02 -1.29
N ALA A 129 -9.66 8.97 -2.07
CA ALA A 129 -9.50 7.94 -3.11
C ALA A 129 -9.35 6.52 -2.57
N ASP A 130 -8.73 6.37 -1.39
CA ASP A 130 -8.46 5.06 -0.81
C ASP A 130 -9.33 4.76 0.40
N VAL A 131 -10.50 5.41 0.50
CA VAL A 131 -11.48 5.08 1.52
C VAL A 131 -12.73 4.56 0.82
N PRO A 132 -12.93 3.23 0.82
CA PRO A 132 -14.17 2.70 0.21
C PRO A 132 -15.38 2.96 1.12
N VAL A 133 -16.60 2.77 0.60
CA VAL A 133 -17.79 3.05 1.41
C VAL A 133 -17.75 2.27 2.74
N GLU A 134 -17.19 1.07 2.67
CA GLU A 134 -17.04 0.21 3.85
C GLU A 134 -16.27 0.86 5.03
N GLU A 135 -15.31 1.74 4.72
CA GLU A 135 -14.49 2.40 5.74
C GLU A 135 -14.87 3.88 5.91
N SER A 136 -15.98 4.30 5.28
CA SER A 136 -16.21 5.73 5.13
C SER A 136 -16.86 6.49 6.28
N ALA A 137 -17.43 5.78 7.28
CA ALA A 137 -18.28 6.44 8.30
C ALA A 137 -17.68 7.76 8.88
N PRO A 138 -16.46 7.71 9.47
CA PRO A 138 -15.99 8.96 10.10
C PRO A 138 -15.70 10.06 9.09
N PHE A 139 -15.41 9.68 7.84
CA PHE A 139 -15.12 10.69 6.81
C PHE A 139 -16.40 11.36 6.34
N ARG A 140 -17.41 10.55 6.02
CA ARG A 140 -18.64 11.15 5.52
C ARG A 140 -19.37 11.93 6.64
N GLN A 141 -19.27 11.46 7.89
CA GLN A 141 -19.90 12.17 9.01
C GLN A 141 -19.25 13.55 9.20
N ALA A 142 -17.92 13.58 9.17
CA ALA A 142 -17.24 14.86 9.34
C ALA A 142 -17.53 15.79 8.19
N ALA A 143 -17.59 15.24 6.98
CA ALA A 143 -17.85 16.03 5.78
C ALA A 143 -19.22 16.71 5.94
N LEU A 144 -20.25 15.94 6.28
CA LEU A 144 -21.59 16.51 6.42
C LEU A 144 -21.70 17.53 7.55
N ARG A 145 -20.96 17.30 8.63
CA ARG A 145 -20.99 18.28 9.75
C ARG A 145 -20.47 19.62 9.36
N HIS A 146 -19.60 19.63 8.35
CA HIS A 146 -18.94 20.87 7.89
C HIS A 146 -19.42 21.30 6.53
N ASN A 147 -20.58 20.81 6.11
CA ASN A 147 -21.21 21.22 4.85
C ASN A 147 -20.40 20.95 3.60
N ILE A 148 -19.66 19.85 3.64
CA ILE A 148 -18.86 19.35 2.54
C ILE A 148 -19.54 18.09 2.04
N ALA A 149 -19.62 17.97 0.71
CA ALA A 149 -20.14 16.76 0.06
C ALA A 149 -19.07 15.66 0.06
N PRO A 150 -19.34 14.50 0.68
CA PRO A 150 -18.43 13.37 0.52
C PRO A 150 -18.73 12.64 -0.80
N ILE A 151 -17.70 12.46 -1.65
CA ILE A 151 -17.88 11.86 -2.99
C ILE A 151 -17.51 10.38 -2.96
N PHE A 152 -18.39 9.54 -3.50
CA PHE A 152 -18.14 8.12 -3.58
C PHE A 152 -18.12 7.61 -5.01
N ILE A 153 -17.43 6.49 -5.17
CA ILE A 153 -17.14 5.91 -6.46
C ILE A 153 -18.08 4.77 -6.77
N CYS A 154 -18.67 4.85 -7.97
CA CYS A 154 -19.37 3.74 -8.55
C CYS A 154 -18.51 3.07 -9.65
N PRO A 155 -17.85 1.94 -9.33
CA PRO A 155 -17.03 1.22 -10.31
C PRO A 155 -17.88 0.44 -11.32
N PRO A 156 -17.26 0.05 -12.45
CA PRO A 156 -18.01 -0.61 -13.51
C PRO A 156 -18.72 -1.89 -13.05
N ASN A 157 -18.12 -2.60 -12.10
CA ASN A 157 -18.77 -3.82 -11.63
C ASN A 157 -19.38 -3.69 -10.24
N ALA A 158 -19.97 -2.52 -9.98
CA ALA A 158 -20.77 -2.29 -8.77
C ALA A 158 -21.99 -3.17 -8.73
N ASP A 159 -22.19 -3.87 -7.61
CA ASP A 159 -23.42 -4.61 -7.40
C ASP A 159 -24.51 -3.71 -6.81
N ASP A 160 -25.70 -4.27 -6.62
CA ASP A 160 -26.86 -3.49 -6.19
C ASP A 160 -26.67 -2.85 -4.82
N ASP A 161 -26.13 -3.62 -3.87
CA ASP A 161 -25.83 -3.13 -2.53
C ASP A 161 -24.95 -1.89 -2.54
N LEU A 162 -23.89 -1.92 -3.37
CA LEU A 162 -23.00 -0.76 -3.51
C LEU A 162 -23.70 0.46 -4.12
N LEU A 163 -24.50 0.25 -5.15
CA LEU A 163 -25.26 1.33 -5.76
C LEU A 163 -26.15 2.02 -4.73
N ARG A 164 -26.86 1.23 -3.93
CA ARG A 164 -27.70 1.77 -2.84
C ARG A 164 -26.89 2.55 -1.80
N GLN A 165 -25.75 2.01 -1.39
CA GLN A 165 -24.90 2.72 -0.44
C GLN A 165 -24.37 4.05 -0.99
N VAL A 166 -23.86 4.04 -2.22
CA VAL A 166 -23.30 5.24 -2.85
C VAL A 166 -24.37 6.30 -3.00
N ALA A 167 -25.60 5.88 -3.30
CA ALA A 167 -26.70 6.81 -3.46
C ALA A 167 -27.10 7.48 -2.15
N SER A 168 -27.14 6.68 -1.08
CA SER A 168 -27.46 7.18 0.26
C SER A 168 -26.34 8.02 0.90
N TYR A 169 -25.09 7.57 0.78
CA TYR A 169 -23.98 8.19 1.52
C TYR A 169 -23.38 9.43 0.85
N GLY A 170 -23.44 9.48 -0.48
CA GLY A 170 -22.75 10.51 -1.25
C GLY A 170 -23.59 11.76 -1.36
N ARG A 171 -23.00 12.85 -1.75
CA ARG A 171 -23.71 14.08 -2.03
C ARG A 171 -22.91 14.80 -3.11
N GLY A 172 -23.46 15.85 -3.66
CA GLY A 172 -22.77 16.64 -4.65
C GLY A 172 -22.80 16.06 -6.04
N TYR A 173 -21.97 15.04 -6.26
CA TYR A 173 -22.01 14.25 -7.47
C TYR A 173 -21.59 12.81 -7.14
N THR A 174 -21.95 11.88 -7.98
CA THR A 174 -21.45 10.50 -7.86
C THR A 174 -20.35 10.32 -8.90
N TYR A 175 -19.22 9.74 -8.48
CA TYR A 175 -18.12 9.51 -9.41
C TYR A 175 -18.34 8.18 -10.13
N LEU A 176 -18.57 8.24 -11.44
CA LEU A 176 -18.77 7.04 -12.27
C LEU A 176 -17.44 6.69 -12.94
N LEU A 177 -16.80 5.64 -12.45
CA LEU A 177 -15.50 5.21 -12.97
C LEU A 177 -15.65 4.57 -14.32
N SER A 178 -14.86 5.01 -15.30
CA SER A 178 -14.92 4.54 -16.68
CA SER A 178 -15.00 4.51 -16.65
C SER A 178 -14.43 3.10 -16.81
N ARG A 179 -13.46 2.75 -15.96
CA ARG A 179 -12.69 1.52 -16.12
C ARG A 179 -11.93 1.21 -14.82
N SER A 180 -11.42 -0.03 -14.70
CA SER A 180 -10.44 -0.37 -13.67
C SER A 180 -9.10 0.32 -13.99
N GLY A 181 -8.13 0.14 -13.12
CA GLY A 181 -6.81 0.75 -13.31
C GLY A 181 -6.64 2.06 -12.58
N VAL A 182 -5.58 2.77 -12.93
CA VAL A 182 -5.25 4.07 -12.36
C VAL A 182 -5.45 5.19 -13.38
N THR A 183 -5.33 6.43 -12.93
CA THR A 183 -5.53 7.57 -13.84
C THR A 183 -4.57 7.52 -15.01
N GLY A 184 -5.03 8.01 -16.17
CA GLY A 184 -4.18 8.06 -17.35
C GLY A 184 -4.96 8.27 -18.64
N ALA A 185 -4.45 9.17 -19.48
CA ALA A 185 -5.15 9.61 -20.69
C ALA A 185 -5.14 8.54 -21.78
N GLU A 186 -4.02 7.80 -21.87
CA GLU A 186 -3.82 6.84 -22.96
CA GLU A 186 -3.80 6.82 -22.94
C GLU A 186 -4.67 5.57 -22.80
N ASN A 187 -5.08 5.31 -21.57
CA ASN A 187 -5.91 4.17 -21.28
C ASN A 187 -7.37 4.64 -21.31
N ARG A 188 -8.03 4.45 -22.45
CA ARG A 188 -9.42 4.90 -22.62
C ARG A 188 -10.40 3.85 -22.10
N GLY A 189 -11.42 4.31 -21.38
CA GLY A 189 -12.35 3.38 -20.72
C GLY A 189 -13.45 2.87 -21.63
N ALA A 190 -14.43 2.21 -21.01
CA ALA A 190 -15.62 1.80 -21.73
C ALA A 190 -16.55 3.00 -21.90
N LEU A 191 -17.54 2.82 -22.78
CA LEU A 191 -18.65 3.75 -22.87
C LEU A 191 -19.38 3.67 -21.52
N PRO A 192 -19.71 4.84 -20.93
CA PRO A 192 -20.45 4.93 -19.67
C PRO A 192 -21.54 3.87 -19.60
N LEU A 193 -21.55 3.07 -18.53
CA LEU A 193 -22.49 1.96 -18.44
C LEU A 193 -23.89 2.44 -18.09
N HIS A 194 -24.80 2.33 -19.06
CA HIS A 194 -26.16 2.84 -18.94
C HIS A 194 -26.90 2.29 -17.75
N HIS A 195 -26.70 1.01 -17.45
CA HIS A 195 -27.39 0.39 -16.33
C HIS A 195 -27.02 1.00 -15.00
N LEU A 196 -25.75 1.41 -14.84
CA LEU A 196 -25.31 2.05 -13.61
C LEU A 196 -25.93 3.45 -13.51
N ILE A 197 -25.89 4.19 -14.61
CA ILE A 197 -26.44 5.54 -14.66
C ILE A 197 -27.91 5.52 -14.29
N GLU A 198 -28.64 4.60 -14.92
CA GLU A 198 -30.07 4.43 -14.69
C GLU A 198 -30.41 4.01 -13.25
N LYS A 199 -29.64 3.09 -12.68
CA LYS A 199 -29.87 2.68 -11.28
C LYS A 199 -29.58 3.80 -10.28
N LEU A 200 -28.49 4.54 -10.51
CA LEU A 200 -28.14 5.66 -9.64
C LEU A 200 -29.30 6.67 -9.61
N LYS A 201 -29.90 6.91 -10.78
CA LYS A 201 -31.05 7.81 -10.87
C LYS A 201 -32.25 7.22 -10.14
N GLU A 202 -32.45 5.91 -10.29
CA GLU A 202 -33.55 5.22 -9.63
C GLU A 202 -33.48 5.33 -8.10
N TYR A 203 -32.25 5.32 -7.58
CA TYR A 203 -31.99 5.44 -6.15
C TYR A 203 -31.73 6.87 -5.68
N HIS A 204 -31.96 7.85 -6.56
CA HIS A 204 -31.85 9.28 -6.24
C HIS A 204 -30.47 9.70 -5.80
N ALA A 205 -29.45 9.10 -6.42
CA ALA A 205 -28.06 9.46 -6.13
C ALA A 205 -27.78 10.87 -6.65
N ALA A 206 -26.73 11.49 -6.11
CA ALA A 206 -26.24 12.71 -6.69
C ALA A 206 -25.86 12.44 -8.16
N PRO A 207 -25.94 13.48 -9.00
CA PRO A 207 -25.71 13.33 -10.45
C PRO A 207 -24.32 12.73 -10.78
N ALA A 208 -24.23 11.91 -11.82
CA ALA A 208 -22.98 11.19 -12.13
C ALA A 208 -22.04 11.97 -13.04
N LEU A 209 -20.77 12.06 -12.63
CA LEU A 209 -19.70 12.54 -13.47
C LEU A 209 -18.77 11.38 -13.83
N GLN A 210 -18.59 11.14 -15.12
CA GLN A 210 -17.75 10.01 -15.53
C GLN A 210 -16.28 10.45 -15.53
N GLY A 211 -15.39 9.60 -15.01
CA GLY A 211 -13.96 9.94 -15.02
C GLY A 211 -13.04 8.73 -15.14
N PHE A 212 -11.78 9.01 -15.51
CA PHE A 212 -10.64 8.07 -15.79
C PHE A 212 -10.56 7.86 -17.29
N GLY A 213 -9.46 8.28 -17.89
CA GLY A 213 -9.24 8.05 -19.31
C GLY A 213 -10.03 8.91 -20.30
N ILE A 214 -10.74 9.93 -19.81
CA ILE A 214 -11.50 10.85 -20.69
C ILE A 214 -10.54 11.94 -21.14
N SER A 215 -10.21 11.91 -22.42
CA SER A 215 -9.14 12.76 -22.95
C SER A 215 -9.52 13.45 -24.24
N SER A 216 -10.75 13.21 -24.70
CA SER A 216 -11.21 13.74 -25.99
C SER A 216 -12.66 14.25 -25.94
N PRO A 217 -12.98 15.25 -26.78
CA PRO A 217 -14.35 15.77 -26.77
C PRO A 217 -15.41 14.69 -27.10
N GLU A 218 -15.05 13.73 -27.94
CA GLU A 218 -15.95 12.62 -28.30
C GLU A 218 -16.35 11.81 -27.06
N GLN A 219 -15.41 11.65 -26.14
CA GLN A 219 -15.72 10.90 -24.92
C GLN A 219 -16.63 11.69 -24.00
N VAL A 220 -16.48 13.02 -23.98
CA VAL A 220 -17.38 13.86 -23.19
C VAL A 220 -18.82 13.77 -23.73
N SER A 221 -18.97 13.96 -25.04
CA SER A 221 -20.28 13.84 -25.67
C SER A 221 -20.93 12.48 -25.39
N ALA A 222 -20.14 11.41 -25.52
CA ALA A 222 -20.63 10.05 -25.28
C ALA A 222 -21.12 9.87 -23.85
N ALA A 223 -20.44 10.52 -22.89
CA ALA A 223 -20.84 10.41 -21.48
C ALA A 223 -22.19 11.08 -21.23
N VAL A 224 -22.36 12.30 -21.75
CA VAL A 224 -23.63 13.02 -21.57
C VAL A 224 -24.77 12.30 -22.32
N ARG A 225 -24.47 11.83 -23.54
CA ARG A 225 -25.45 11.08 -24.35
CA ARG A 225 -25.48 11.11 -24.34
C ARG A 225 -25.94 9.83 -23.64
N ALA A 226 -25.04 9.21 -22.85
CA ALA A 226 -25.38 8.01 -22.07
C ALA A 226 -26.18 8.33 -20.81
N GLY A 227 -26.28 9.62 -20.48
CA GLY A 227 -27.13 10.07 -19.38
C GLY A 227 -26.38 10.52 -18.15
N ALA A 228 -25.05 10.53 -18.24
CA ALA A 228 -24.24 11.09 -17.16
C ALA A 228 -24.39 12.62 -17.18
N ALA A 229 -24.24 13.23 -16.01
CA ALA A 229 -24.36 14.66 -15.89
C ALA A 229 -23.13 15.43 -16.39
N GLY A 230 -22.02 14.72 -16.66
CA GLY A 230 -20.80 15.38 -17.13
C GLY A 230 -19.62 14.44 -17.08
N ALA A 231 -18.43 15.00 -17.30
CA ALA A 231 -17.21 14.22 -17.36
C ALA A 231 -16.06 14.99 -16.72
N ILE A 232 -15.11 14.22 -16.18
CA ILE A 232 -13.87 14.74 -15.57
C ILE A 232 -12.68 14.30 -16.43
N SER A 233 -11.74 15.21 -16.69
CA SER A 233 -10.51 14.92 -17.43
C SER A 233 -9.32 15.47 -16.64
N GLY A 234 -8.35 14.59 -16.36
CA GLY A 234 -7.19 14.97 -15.55
C GLY A 234 -5.88 14.88 -16.33
N SER A 235 -5.44 13.65 -16.60
CA SER A 235 -4.15 13.41 -17.26
C SER A 235 -4.00 14.19 -18.58
N ALA A 236 -5.08 14.27 -19.39
CA ALA A 236 -5.04 15.02 -20.66
C ALA A 236 -4.69 16.50 -20.44
N ILE A 237 -5.20 17.06 -19.35
CA ILE A 237 -4.92 18.45 -18.99
C ILE A 237 -3.51 18.59 -18.46
N VAL A 238 -3.13 17.67 -17.57
CA VAL A 238 -1.80 17.69 -16.97
C VAL A 238 -0.70 17.47 -18.03
N LYS A 239 -1.00 16.68 -19.07
CA LYS A 239 -0.04 16.49 -20.16
C LYS A 239 0.32 17.81 -20.85
N ILE A 240 -0.64 18.73 -20.95
CA ILE A 240 -0.42 20.05 -21.57
C ILE A 240 0.51 20.89 -20.70
N ILE A 241 0.34 20.80 -19.38
CA ILE A 241 1.26 21.50 -18.46
C ILE A 241 2.69 20.94 -18.62
N GLU A 242 2.81 19.61 -18.60
CA GLU A 242 4.12 18.94 -18.63
C GLU A 242 4.86 19.27 -19.93
N LYS A 243 4.11 19.26 -21.03
CA LYS A 243 4.67 19.57 -22.37
C LYS A 243 5.22 20.98 -22.50
N ASN A 244 4.63 21.91 -21.76
CA ASN A 244 4.89 23.34 -21.97
C ASN A 244 5.55 24.05 -20.79
N LEU A 245 6.31 23.32 -19.97
CA LEU A 245 6.94 23.90 -18.79
C LEU A 245 7.84 25.10 -19.08
N ALA A 246 8.56 25.08 -20.20
CA ALA A 246 9.43 26.21 -20.57
C ALA A 246 8.71 27.31 -21.35
N SER A 247 7.44 27.10 -21.66
CA SER A 247 6.67 28.04 -22.47
CA SER A 247 6.66 28.03 -22.48
C SER A 247 5.29 28.35 -21.85
N PRO A 248 5.28 29.16 -20.77
CA PRO A 248 4.03 29.41 -20.01
C PRO A 248 2.89 30.03 -20.83
N LYS A 249 3.20 30.93 -21.74
CA LYS A 249 2.18 31.42 -22.58
CA LYS A 249 2.22 31.54 -22.62
C LYS A 249 1.56 30.47 -23.49
N GLN A 250 2.38 29.65 -24.14
CA GLN A 250 1.90 28.55 -24.96
C GLN A 250 1.08 27.53 -24.14
N MET A 251 1.51 27.25 -22.91
CA MET A 251 0.76 26.35 -21.99
C MET A 251 -0.68 26.81 -21.81
N LEU A 252 -0.86 28.09 -21.48
CA LEU A 252 -2.20 28.61 -21.21
C LEU A 252 -3.07 28.65 -22.47
N ALA A 253 -2.48 28.99 -23.61
CA ALA A 253 -3.16 28.97 -24.91
C ALA A 253 -3.66 27.56 -25.26
N GLU A 254 -2.82 26.55 -25.04
CA GLU A 254 -3.23 25.18 -25.35
C GLU A 254 -4.26 24.65 -24.34
N LEU A 255 -4.12 25.05 -23.07
CA LEU A 255 -5.10 24.69 -22.03
C LEU A 255 -6.47 25.28 -22.38
N ARG A 256 -6.48 26.55 -22.77
CA ARG A 256 -7.71 27.26 -23.14
C ARG A 256 -8.39 26.54 -24.31
N SER A 257 -7.60 26.20 -25.32
CA SER A 257 -8.13 25.58 -26.53
C SER A 257 -8.74 24.21 -26.24
N PHE A 258 -8.03 23.39 -25.45
CA PHE A 258 -8.52 22.06 -25.05
C PHE A 258 -9.78 22.16 -24.19
N VAL A 259 -9.73 22.98 -23.15
CA VAL A 259 -10.89 23.10 -22.25
C VAL A 259 -12.13 23.58 -23.00
N SER A 260 -11.96 24.57 -23.87
CA SER A 260 -13.07 25.10 -24.67
CA SER A 260 -13.07 25.10 -24.66
C SER A 260 -13.71 24.01 -25.51
N ALA A 261 -12.87 23.19 -26.14
CA ALA A 261 -13.34 22.10 -27.01
C ALA A 261 -14.04 20.99 -26.21
N MET A 262 -13.49 20.66 -25.04
CA MET A 262 -14.12 19.68 -24.13
C MET A 262 -15.46 20.18 -23.61
N LYS A 263 -15.54 21.47 -23.28
CA LYS A 263 -16.80 22.06 -22.81
C LYS A 263 -17.85 22.06 -23.92
N ALA A 264 -17.44 22.43 -25.13
CA ALA A 264 -18.36 22.44 -26.28
C ALA A 264 -19.03 21.07 -26.45
N ALA A 265 -18.24 20.01 -26.23
CA ALA A 265 -18.71 18.63 -26.35
C ALA A 265 -19.76 18.23 -25.31
N SER A 266 -19.79 18.93 -24.19
CA SER A 266 -20.76 18.69 -23.13
C SER A 266 -22.17 19.23 -23.44
N ARG A 267 -22.33 19.88 -24.58
CA ARG A 267 -23.56 20.65 -24.88
C ARG A 267 -24.79 20.00 -25.61
N ALA A 268 -24.75 18.76 -26.11
CA ALA A 268 -23.70 17.76 -25.93
C ALA A 268 -23.51 16.95 -27.19
N THR B 2 -19.08 -5.31 4.06
CA THR B 2 -19.24 -6.43 5.04
C THR B 2 -18.26 -7.55 4.71
N THR B 3 -17.79 -8.24 5.75
CA THR B 3 -16.79 -9.30 5.61
C THR B 3 -17.15 -10.50 6.47
N LEU B 4 -16.57 -11.66 6.18
CA LEU B 4 -16.80 -12.88 6.97
C LEU B 4 -15.98 -12.89 8.26
N LEU B 5 -14.79 -12.27 8.20
CA LEU B 5 -13.84 -12.24 9.31
C LEU B 5 -13.56 -10.81 9.73
N ASN B 6 -13.08 -10.62 10.95
CA ASN B 6 -12.78 -9.28 11.46
C ASN B 6 -11.58 -8.65 10.73
N PRO B 7 -11.80 -7.50 10.06
CA PRO B 7 -10.68 -6.83 9.38
C PRO B 7 -9.73 -6.05 10.28
N TYR B 8 -10.08 -5.94 11.57
CA TYR B 8 -9.30 -5.10 12.50
C TYR B 8 -8.68 -5.89 13.61
N PHE B 9 -7.55 -5.38 14.10
CA PHE B 9 -6.94 -5.86 15.32
C PHE B 9 -6.93 -4.63 16.22
N GLY B 10 -7.93 -4.54 17.10
CA GLY B 10 -8.13 -3.28 17.84
C GLY B 10 -8.39 -2.17 16.81
N GLU B 11 -7.64 -1.06 16.92
CA GLU B 11 -7.79 0.10 16.01
C GLU B 11 -7.15 -0.12 14.64
N PHE B 12 -6.33 -1.16 14.52
CA PHE B 12 -5.43 -1.25 13.37
C PHE B 12 -5.91 -2.24 12.33
N GLY B 13 -5.68 -1.91 11.07
CA GLY B 13 -6.05 -2.86 9.99
C GLY B 13 -7.01 -2.18 9.03
N GLY B 14 -8.07 -2.91 8.69
CA GLY B 14 -9.01 -2.36 7.75
C GLY B 14 -8.72 -2.65 6.27
N MET B 15 -9.50 -1.98 5.43
CA MET B 15 -9.48 -2.24 3.98
C MET B 15 -9.49 -0.89 3.25
N TYR B 16 -8.37 -0.19 3.32
CA TYR B 16 -8.29 1.19 2.81
C TYR B 16 -7.74 1.18 1.40
N VAL B 17 -8.57 0.61 0.51
CA VAL B 17 -8.22 0.55 -0.90
C VAL B 17 -9.27 1.28 -1.74
N PRO B 18 -8.89 1.68 -2.97
CA PRO B 18 -9.91 2.21 -3.88
C PRO B 18 -11.07 1.23 -4.03
N GLN B 19 -12.28 1.77 -4.13
CA GLN B 19 -13.52 1.00 -4.20
C GLN B 19 -13.46 -0.13 -5.24
N ILE B 20 -12.79 0.13 -6.36
CA ILE B 20 -12.64 -0.86 -7.45
C ILE B 20 -12.11 -2.23 -6.95
N LEU B 21 -11.24 -2.19 -5.94
CA LEU B 21 -10.57 -3.40 -5.43
C LEU B 21 -11.34 -4.16 -4.35
N MET B 22 -12.45 -3.60 -3.84
CA MET B 22 -13.17 -4.30 -2.77
C MET B 22 -13.69 -5.69 -3.14
N PRO B 23 -14.28 -5.86 -4.34
CA PRO B 23 -14.76 -7.19 -4.70
C PRO B 23 -13.62 -8.22 -4.74
N ALA B 24 -12.45 -7.83 -5.20
CA ALA B 24 -11.31 -8.73 -5.22
C ALA B 24 -10.92 -9.15 -3.80
N LEU B 25 -10.90 -8.20 -2.86
CA LEU B 25 -10.58 -8.56 -1.48
C LEU B 25 -11.66 -9.46 -0.87
N ASN B 26 -12.93 -9.15 -1.12
CA ASN B 26 -14.03 -10.01 -0.63
C ASN B 26 -13.97 -11.42 -1.21
N GLN B 27 -13.64 -11.52 -2.50
CA GLN B 27 -13.48 -12.80 -3.20
C GLN B 27 -12.36 -13.60 -2.57
N LEU B 28 -11.25 -12.94 -2.30
CA LEU B 28 -10.09 -13.59 -1.68
C LEU B 28 -10.45 -14.12 -0.29
N GLU B 29 -11.14 -13.29 0.49
CA GLU B 29 -11.53 -13.70 1.84
C GLU B 29 -12.45 -14.92 1.78
N GLU B 30 -13.45 -14.91 0.88
CA GLU B 30 -14.39 -16.05 0.77
C GLU B 30 -13.64 -17.32 0.39
N ALA B 31 -12.65 -17.17 -0.51
CA ALA B 31 -11.89 -18.31 -1.00
C ALA B 31 -11.00 -18.88 0.09
N PHE B 32 -10.37 -18.01 0.87
CA PHE B 32 -9.60 -18.45 2.05
C PHE B 32 -10.44 -19.19 3.07
N VAL B 33 -11.60 -18.61 3.43
CA VAL B 33 -12.47 -19.24 4.44
C VAL B 33 -12.89 -20.65 3.97
N SER B 34 -13.21 -20.75 2.68
CA SER B 34 -13.62 -22.03 2.06
C SER B 34 -12.45 -23.03 2.10
N ALA B 35 -11.28 -22.57 1.67
CA ALA B 35 -10.08 -23.40 1.63
C ALA B 35 -9.67 -23.93 3.03
N GLN B 36 -9.84 -23.09 4.06
CA GLN B 36 -9.43 -23.45 5.41
C GLN B 36 -10.29 -24.59 5.96
N LYS B 37 -11.47 -24.79 5.36
CA LYS B 37 -12.38 -25.90 5.75
C LYS B 37 -12.32 -27.08 4.80
N ASP B 38 -11.46 -27.02 3.79
CA ASP B 38 -11.46 -27.99 2.70
C ASP B 38 -10.33 -28.99 2.93
N PRO B 39 -10.66 -30.23 3.32
CA PRO B 39 -9.59 -31.20 3.58
C PRO B 39 -8.66 -31.44 2.40
N GLU B 40 -9.19 -31.34 1.16
CA GLU B 40 -8.39 -31.52 -0.06
CA GLU B 40 -8.36 -31.55 -0.02
C GLU B 40 -7.36 -30.41 -0.23
N PHE B 41 -7.81 -29.17 0.02
CA PHE B 41 -6.90 -28.02 -0.05
C PHE B 41 -5.80 -28.17 0.99
N GLN B 42 -6.18 -28.48 2.22
CA GLN B 42 -5.23 -28.64 3.32
C GLN B 42 -4.21 -29.74 3.03
N ALA B 43 -4.66 -30.84 2.42
CA ALA B 43 -3.76 -31.95 2.06
C ALA B 43 -2.78 -31.57 0.97
N GLN B 44 -3.26 -30.81 -0.03
CA GLN B 44 -2.39 -30.33 -1.10
C GLN B 44 -1.32 -29.38 -0.56
N PHE B 45 -1.74 -28.47 0.31
CA PHE B 45 -0.82 -27.47 0.90
C PHE B 45 0.21 -28.20 1.77
N ALA B 46 -0.24 -29.14 2.57
CA ALA B 46 0.66 -29.93 3.44
C ALA B 46 1.65 -30.76 2.63
N ASP B 47 1.19 -31.33 1.53
CA ASP B 47 2.08 -32.11 0.65
C ASP B 47 3.18 -31.24 0.05
N LEU B 48 2.82 -30.06 -0.47
CA LEU B 48 3.82 -29.15 -1.00
C LEU B 48 4.81 -28.74 0.10
N LEU B 49 4.29 -28.40 1.28
CA LEU B 49 5.19 -27.92 2.35
C LEU B 49 6.21 -29.02 2.70
N LYS B 50 5.76 -30.28 2.75
CA LYS B 50 6.65 -31.36 3.15
C LYS B 50 7.57 -31.80 2.02
N ASN B 51 6.98 -32.13 0.88
CA ASN B 51 7.72 -32.86 -0.13
C ASN B 51 8.39 -31.97 -1.16
N TYR B 52 7.96 -30.71 -1.21
CA TYR B 52 8.56 -29.74 -2.15
C TYR B 52 9.41 -28.69 -1.41
N ALA B 53 8.88 -28.11 -0.33
CA ALA B 53 9.61 -27.06 0.41
C ALA B 53 10.55 -27.57 1.47
N GLY B 54 10.30 -28.77 1.98
CA GLY B 54 11.17 -29.45 2.96
C GLY B 54 10.82 -29.25 4.44
N ARG B 55 9.54 -29.01 4.75
CA ARG B 55 9.12 -28.91 6.16
C ARG B 55 8.97 -30.30 6.81
N PRO B 56 9.16 -30.39 8.14
CA PRO B 56 9.49 -29.36 9.12
C PRO B 56 10.95 -28.96 9.01
N THR B 57 11.19 -27.70 9.34
CA THR B 57 12.55 -27.19 9.32
C THR B 57 13.16 -27.45 10.69
N ALA B 58 14.47 -27.63 10.68
CA ALA B 58 15.20 -27.94 11.91
C ALA B 58 15.10 -26.83 12.98
N LEU B 59 15.29 -27.24 14.22
CA LEU B 59 15.48 -26.32 15.35
C LEU B 59 16.88 -26.63 15.88
N THR B 60 17.80 -25.69 15.72
CA THR B 60 19.23 -25.92 15.98
C THR B 60 19.64 -25.26 17.27
N LYS B 61 20.25 -26.03 18.17
CA LYS B 61 20.77 -25.43 19.43
C LYS B 61 22.14 -24.88 19.15
N CYS B 62 22.39 -23.62 19.46
CA CYS B 62 23.71 -23.02 19.23
C CYS B 62 24.58 -23.45 20.36
N GLN B 63 25.78 -23.93 20.12
CA GLN B 63 26.56 -24.34 21.30
C GLN B 63 27.87 -23.62 21.46
N ASN B 64 28.13 -22.62 20.63
CA ASN B 64 29.31 -21.85 20.86
C ASN B 64 28.98 -20.42 21.24
N ILE B 65 27.95 -19.84 20.62
CA ILE B 65 27.76 -18.41 20.81
C ILE B 65 27.23 -18.04 22.19
N THR B 66 26.70 -19.04 22.93
CA THR B 66 26.21 -18.76 24.27
C THR B 66 27.17 -19.22 25.37
N ALA B 67 28.36 -19.69 24.98
CA ALA B 67 29.32 -20.22 25.97
C ALA B 67 29.58 -19.20 27.08
N GLY B 68 29.58 -19.67 28.32
CA GLY B 68 29.93 -18.83 29.47
C GLY B 68 28.78 -17.98 30.00
N THR B 69 27.56 -18.20 29.48
CA THR B 69 26.37 -17.49 29.94
C THR B 69 25.31 -18.48 30.36
N ARG B 70 24.21 -17.97 30.92
CA ARG B 70 23.11 -18.83 31.29
C ARG B 70 21.99 -18.77 30.23
N THR B 71 22.31 -18.31 29.03
CA THR B 71 21.35 -18.33 27.90
C THR B 71 21.45 -19.66 27.13
N THR B 72 20.31 -20.35 26.92
CA THR B 72 20.24 -21.41 25.91
C THR B 72 19.51 -20.84 24.70
N LEU B 73 20.14 -20.93 23.52
CA LEU B 73 19.61 -20.33 22.29
C LEU B 73 19.41 -21.38 21.20
N TYR B 74 18.19 -21.43 20.70
CA TYR B 74 17.85 -22.27 19.53
C TYR B 74 17.50 -21.35 18.37
N LEU B 75 17.79 -21.82 17.16
CA LEU B 75 17.48 -21.12 15.92
C LEU B 75 16.48 -21.94 15.15
N LYS B 76 15.33 -21.34 14.86
CA LYS B 76 14.37 -22.02 13.99
C LYS B 76 14.80 -21.84 12.53
N ARG B 77 15.07 -22.96 11.82
CA ARG B 77 15.86 -22.84 10.58
C ARG B 77 15.01 -22.65 9.31
N GLU B 78 14.34 -21.50 9.20
CA GLU B 78 13.61 -21.20 8.00
C GLU B 78 14.59 -20.95 6.83
N ASP B 79 15.86 -20.69 7.14
CA ASP B 79 16.91 -20.60 6.11
C ASP B 79 17.07 -21.90 5.30
N LEU B 80 16.55 -23.03 5.83
CA LEU B 80 16.65 -24.38 5.21
C LEU B 80 15.48 -24.63 4.27
N LEU B 81 14.48 -23.75 4.27
CA LEU B 81 13.30 -23.96 3.40
C LEU B 81 13.70 -23.76 1.93
N HIS B 82 13.06 -24.51 1.03
CA HIS B 82 13.28 -24.25 -0.39
C HIS B 82 13.09 -22.79 -0.72
N GLY B 83 14.03 -22.21 -1.47
CA GLY B 83 14.01 -20.78 -1.79
C GLY B 83 14.94 -19.99 -0.88
N GLY B 84 15.09 -20.46 0.35
CA GLY B 84 16.06 -19.87 1.28
C GLY B 84 15.46 -18.93 2.30
N ALA B 85 14.13 -18.90 2.43
CA ALA B 85 13.47 -18.07 3.46
C ALA B 85 12.07 -18.56 3.76
N HIS B 86 11.54 -18.09 4.89
CA HIS B 86 10.16 -18.41 5.33
C HIS B 86 9.12 -18.00 4.30
N LYS B 87 9.46 -17.05 3.43
CA LYS B 87 8.51 -16.48 2.42
C LYS B 87 7.85 -17.59 1.60
N THR B 88 8.58 -18.68 1.39
CA THR B 88 8.04 -19.77 0.59
C THR B 88 6.75 -20.40 1.18
N ASN B 89 6.62 -20.43 2.52
CA ASN B 89 5.45 -21.11 3.14
C ASN B 89 4.15 -20.56 2.62
N GLN B 90 4.00 -19.25 2.75
CA GLN B 90 2.67 -18.71 2.49
C GLN B 90 2.44 -18.44 1.00
N VAL B 91 3.52 -18.34 0.23
CA VAL B 91 3.40 -18.22 -1.23
C VAL B 91 2.78 -19.52 -1.77
N LEU B 92 3.17 -20.68 -1.23
CA LEU B 92 2.56 -21.92 -1.69
C LEU B 92 1.05 -21.95 -1.42
N GLY B 93 0.64 -21.45 -0.24
CA GLY B 93 -0.77 -21.35 0.13
C GLY B 93 -1.51 -20.36 -0.77
N GLN B 94 -0.93 -19.18 -0.99
CA GLN B 94 -1.57 -18.14 -1.80
C GLN B 94 -1.65 -18.57 -3.27
N ALA B 95 -0.61 -19.25 -3.78
CA ALA B 95 -0.67 -19.76 -5.15
C ALA B 95 -1.83 -20.75 -5.32
N LEU B 96 -2.00 -21.64 -4.34
CA LEU B 96 -3.12 -22.56 -4.39
C LEU B 96 -4.45 -21.81 -4.34
N LEU B 97 -4.53 -20.75 -3.54
CA LEU B 97 -5.74 -19.89 -3.53
C LEU B 97 -5.96 -19.23 -4.91
N ALA B 98 -4.90 -18.69 -5.51
CA ALA B 98 -5.00 -18.11 -6.85
C ALA B 98 -5.62 -19.11 -7.84
N LYS B 99 -5.13 -20.36 -7.82
CA LYS B 99 -5.65 -21.41 -8.71
C LYS B 99 -7.13 -21.69 -8.39
N ARG B 100 -7.46 -21.80 -7.10
CA ARG B 100 -8.84 -22.02 -6.62
C ARG B 100 -9.82 -20.95 -7.14
N MET B 101 -9.32 -19.72 -7.29
CA MET B 101 -10.12 -18.58 -7.77
C MET B 101 -10.06 -18.42 -9.29
N GLY B 102 -9.37 -19.32 -9.98
CA GLY B 102 -9.29 -19.32 -11.46
C GLY B 102 -8.39 -18.21 -12.04
N LYS B 103 -7.40 -17.76 -11.27
CA LYS B 103 -6.45 -16.74 -11.74
CA LYS B 103 -6.46 -16.74 -11.74
C LYS B 103 -5.26 -17.43 -12.39
N SER B 104 -4.68 -16.80 -13.41
CA SER B 104 -3.60 -17.41 -14.17
C SER B 104 -2.31 -16.62 -14.07
N GLU B 105 -2.38 -15.47 -13.40
CA GLU B 105 -1.25 -14.57 -13.34
C GLU B 105 -1.05 -14.17 -11.90
N ILE B 106 0.18 -13.82 -11.57
CA ILE B 106 0.56 -13.37 -10.23
C ILE B 106 1.31 -12.03 -10.31
N ILE B 107 0.92 -11.08 -9.45
CA ILE B 107 1.74 -9.89 -9.23
C ILE B 107 2.31 -9.99 -7.82
N ALA B 108 3.59 -9.64 -7.66
CA ALA B 108 4.16 -9.52 -6.32
C ALA B 108 5.16 -8.39 -6.25
N GLU B 109 5.34 -7.85 -5.04
CA GLU B 109 6.42 -6.92 -4.74
C GLU B 109 7.50 -7.73 -4.04
N THR B 110 8.74 -7.26 -4.09
CA THR B 110 9.79 -7.87 -3.27
C THR B 110 10.85 -6.82 -2.90
N GLY B 111 11.49 -7.03 -1.74
CA GLY B 111 12.56 -6.17 -1.26
C GLY B 111 13.87 -6.94 -1.23
N ALA B 112 13.95 -7.90 -0.32
CA ALA B 112 15.10 -8.80 -0.27
C ALA B 112 15.18 -9.70 -1.49
N GLY B 113 14.08 -9.82 -2.24
CA GLY B 113 14.02 -10.77 -3.34
C GLY B 113 13.63 -12.20 -2.94
N GLN B 114 13.42 -12.45 -1.64
CA GLN B 114 13.04 -13.79 -1.17
C GLN B 114 11.57 -14.06 -1.42
N HIS B 115 10.73 -13.04 -1.23
CA HIS B 115 9.33 -13.18 -1.63
C HIS B 115 9.19 -13.29 -3.13
N GLY B 116 10.00 -12.51 -3.87
CA GLY B 116 10.07 -12.59 -5.36
C GLY B 116 10.49 -13.99 -5.82
N VAL B 117 11.57 -14.50 -5.23
CA VAL B 117 12.01 -15.88 -5.51
C VAL B 117 10.91 -16.91 -5.20
N ALA B 118 10.27 -16.80 -4.04
CA ALA B 118 9.17 -17.70 -3.64
C ALA B 118 8.03 -17.61 -4.67
N SER B 119 7.64 -16.39 -5.04
CA SER B 119 6.55 -16.19 -6.00
C SER B 119 6.89 -16.81 -7.36
N ALA B 120 8.14 -16.59 -7.80
CA ALA B 120 8.57 -17.14 -9.07
C ALA B 120 8.61 -18.67 -9.06
N LEU B 121 9.14 -19.27 -7.99
CA LEU B 121 9.22 -20.75 -7.90
C LEU B 121 7.83 -21.38 -7.83
N ALA B 122 6.91 -20.77 -7.09
CA ALA B 122 5.57 -21.35 -6.97
C ALA B 122 4.84 -21.22 -8.29
N SER B 123 5.08 -20.11 -8.99
CA SER B 123 4.44 -19.90 -10.28
C SER B 123 4.98 -20.90 -11.32
N ALA B 124 6.29 -21.19 -11.29
CA ALA B 124 6.87 -22.17 -12.22
C ALA B 124 6.24 -23.56 -11.93
N LEU B 125 6.14 -23.92 -10.66
CA LEU B 125 5.58 -25.20 -10.25
C LEU B 125 4.10 -25.37 -10.62
N LEU B 126 3.31 -24.33 -10.36
CA LEU B 126 1.88 -24.47 -10.43
C LEU B 126 1.27 -23.88 -11.69
N GLY B 127 2.12 -23.39 -12.61
CA GLY B 127 1.69 -22.88 -13.93
C GLY B 127 0.96 -21.54 -13.92
N LEU B 128 1.58 -20.55 -13.29
CA LEU B 128 1.09 -19.17 -13.25
C LEU B 128 2.15 -18.28 -13.90
N LYS B 129 1.70 -17.18 -14.52
CA LYS B 129 2.59 -16.18 -15.10
CA LYS B 129 2.61 -16.18 -15.09
C LYS B 129 2.90 -15.11 -14.06
N CYS B 130 4.16 -14.98 -13.68
CA CYS B 130 4.58 -14.14 -12.56
C CYS B 130 5.30 -12.84 -13.00
N ARG B 131 4.82 -11.69 -12.51
CA ARG B 131 5.56 -10.42 -12.63
C ARG B 131 5.82 -9.87 -11.24
N ILE B 132 7.06 -9.44 -11.03
CA ILE B 132 7.55 -9.03 -9.73
CA ILE B 132 7.56 -9.03 -9.74
C ILE B 132 8.05 -7.60 -9.77
N TYR B 133 7.55 -6.76 -8.88
CA TYR B 133 8.08 -5.39 -8.81
C TYR B 133 9.16 -5.30 -7.74
N MET B 134 10.25 -4.62 -8.04
CA MET B 134 11.38 -4.56 -7.07
C MET B 134 12.05 -3.20 -7.22
N GLY B 135 12.27 -2.50 -6.10
CA GLY B 135 12.92 -1.20 -6.19
C GLY B 135 14.32 -1.31 -6.82
N ALA B 136 14.67 -0.35 -7.67
CA ALA B 136 15.98 -0.32 -8.33
C ALA B 136 17.19 -0.43 -7.38
N LYS B 137 17.11 0.16 -6.19
CA LYS B 137 18.20 0.04 -5.20
C LYS B 137 18.35 -1.42 -4.75
N ASP B 138 17.23 -2.11 -4.61
CA ASP B 138 17.24 -3.49 -4.12
C ASP B 138 17.68 -4.44 -5.22
N VAL B 139 17.36 -4.07 -6.47
CA VAL B 139 17.80 -4.85 -7.61
C VAL B 139 19.32 -4.95 -7.59
N GLU B 140 19.98 -3.85 -7.22
CA GLU B 140 21.44 -3.82 -7.05
C GLU B 140 21.93 -4.57 -5.80
N ARG B 141 21.41 -4.23 -4.62
CA ARG B 141 21.97 -4.78 -3.38
C ARG B 141 21.52 -6.21 -3.07
N GLN B 142 20.51 -6.70 -3.79
CA GLN B 142 20.05 -8.10 -3.63
C GLN B 142 20.12 -8.84 -4.95
N SER B 143 21.12 -8.50 -5.75
CA SER B 143 21.19 -8.98 -7.14
C SER B 143 21.11 -10.49 -7.33
N PRO B 144 21.70 -11.31 -6.40
CA PRO B 144 21.57 -12.75 -6.64
C PRO B 144 20.12 -13.21 -6.84
N ASN B 145 19.21 -12.57 -6.13
CA ASN B 145 17.80 -12.97 -6.21
C ASN B 145 17.14 -12.54 -7.48
N VAL B 146 17.64 -11.47 -8.09
CA VAL B 146 17.11 -11.02 -9.37
C VAL B 146 17.44 -12.10 -10.40
N PHE B 147 18.68 -12.58 -10.37
CA PHE B 147 19.10 -13.63 -11.31
C PHE B 147 18.23 -14.89 -11.11
N ARG B 148 18.04 -15.30 -9.86
CA ARG B 148 17.21 -16.48 -9.54
C ARG B 148 15.76 -16.34 -10.07
N MET B 149 15.12 -15.21 -9.79
CA MET B 149 13.76 -14.95 -10.31
C MET B 149 13.67 -15.03 -11.82
N ARG B 150 14.62 -14.42 -12.51
CA ARG B 150 14.56 -14.42 -13.97
C ARG B 150 14.83 -15.82 -14.58
N LEU B 151 15.75 -16.58 -13.97
CA LEU B 151 16.03 -17.94 -14.48
C LEU B 151 14.79 -18.84 -14.35
N MET B 152 13.93 -18.53 -13.38
CA MET B 152 12.68 -19.27 -13.19
C MET B 152 11.53 -18.75 -14.03
N GLY B 153 11.81 -17.75 -14.87
CA GLY B 153 10.84 -17.31 -15.87
C GLY B 153 9.95 -16.16 -15.44
N ALA B 154 10.22 -15.57 -14.26
CA ALA B 154 9.45 -14.41 -13.79
C ALA B 154 9.93 -13.14 -14.48
N GLU B 155 9.00 -12.21 -14.72
CA GLU B 155 9.37 -10.86 -15.17
C GLU B 155 9.70 -10.02 -13.95
N VAL B 156 10.90 -9.45 -13.91
CA VAL B 156 11.29 -8.57 -12.79
C VAL B 156 11.38 -7.12 -13.31
N ILE B 157 10.58 -6.24 -12.71
CA ILE B 157 10.39 -4.86 -13.16
C ILE B 157 11.01 -3.91 -12.11
N PRO B 158 12.18 -3.31 -12.44
CA PRO B 158 12.79 -2.35 -11.51
C PRO B 158 11.95 -1.10 -11.35
N VAL B 159 11.85 -0.62 -10.12
CA VAL B 159 11.06 0.55 -9.80
C VAL B 159 12.01 1.66 -9.36
N HIS B 160 12.05 2.73 -10.15
CA HIS B 160 12.97 3.84 -9.89
C HIS B 160 12.34 4.97 -9.10
N SER B 161 11.03 4.92 -8.94
CA SER B 161 10.38 6.07 -8.26
CA SER B 161 10.28 5.95 -8.23
CA SER B 161 10.28 5.96 -8.23
C SER B 161 10.62 6.03 -6.75
N GLY B 162 10.41 7.20 -6.15
CA GLY B 162 10.59 7.37 -4.71
C GLY B 162 11.97 7.03 -4.17
N SER B 163 11.98 6.20 -3.13
CA SER B 163 13.23 5.68 -2.58
C SER B 163 13.82 4.51 -3.37
N ALA B 164 13.10 4.05 -4.41
CA ALA B 164 13.54 2.88 -5.20
C ALA B 164 13.79 1.63 -4.33
N THR B 165 12.94 1.46 -3.31
CA THR B 165 13.00 0.30 -2.41
C THR B 165 11.60 -0.28 -2.19
N LEU B 166 11.39 -1.04 -1.12
CA LEU B 166 10.17 -1.83 -0.96
C LEU B 166 8.86 -1.01 -1.08
N LYS B 167 8.79 0.15 -0.42
CA LYS B 167 7.57 0.97 -0.45
C LYS B 167 7.17 1.22 -1.91
N ASP B 168 8.16 1.52 -2.73
CA ASP B 168 7.90 1.92 -4.11
C ASP B 168 7.46 0.72 -4.94
N ALA B 169 8.08 -0.44 -4.68
CA ALA B 169 7.62 -1.69 -5.29
C ALA B 169 6.19 -2.03 -4.88
N CYS B 170 5.88 -1.83 -3.60
CA CYS B 170 4.50 -2.07 -3.11
C CYS B 170 3.50 -1.19 -3.87
N ASN B 171 3.83 0.10 -4.02
CA ASN B 171 2.99 1.07 -4.74
C ASN B 171 2.69 0.58 -6.17
N GLU B 172 3.75 0.19 -6.89
CA GLU B 172 3.58 -0.25 -8.27
C GLU B 172 2.78 -1.54 -8.40
N ALA B 173 3.00 -2.48 -7.49
CA ALA B 173 2.21 -3.73 -7.45
C ALA B 173 0.71 -3.48 -7.26
N LEU B 174 0.37 -2.60 -6.32
CA LEU B 174 -1.04 -2.23 -6.09
C LEU B 174 -1.64 -1.48 -7.29
N ARG B 175 -0.89 -0.53 -7.87
CA ARG B 175 -1.37 0.14 -9.08
C ARG B 175 -1.68 -0.87 -10.16
N ASP B 176 -0.78 -1.82 -10.37
CA ASP B 176 -0.96 -2.85 -11.40
C ASP B 176 -2.23 -3.65 -11.10
N TRP B 177 -2.34 -4.16 -9.88
CA TRP B 177 -3.50 -4.99 -9.49
C TRP B 177 -4.81 -4.29 -9.69
N SER B 178 -4.83 -2.99 -9.45
CA SER B 178 -6.10 -2.24 -9.57
C SER B 178 -6.63 -2.24 -11.01
N GLY B 179 -5.75 -2.49 -11.98
CA GLY B 179 -6.14 -2.68 -13.39
C GLY B 179 -6.17 -4.13 -13.87
N SER B 180 -5.59 -5.05 -13.11
CA SER B 180 -5.45 -6.42 -13.64
C SER B 180 -6.09 -7.50 -12.79
N TYR B 181 -6.83 -7.12 -11.75
CA TYR B 181 -7.41 -8.08 -10.77
C TYR B 181 -8.33 -9.13 -11.37
N GLU B 182 -8.88 -8.91 -12.55
CA GLU B 182 -9.76 -9.94 -13.13
C GLU B 182 -8.99 -11.22 -13.46
N THR B 183 -7.73 -11.06 -13.87
CA THR B 183 -6.91 -12.20 -14.26
C THR B 183 -5.73 -12.48 -13.32
N ALA B 184 -5.36 -11.49 -12.50
CA ALA B 184 -4.16 -11.61 -11.69
C ALA B 184 -4.46 -11.64 -10.20
N HIS B 185 -3.80 -12.54 -9.49
CA HIS B 185 -3.81 -12.49 -8.02
C HIS B 185 -2.64 -11.70 -7.53
N TYR B 186 -2.89 -10.80 -6.58
CA TYR B 186 -1.82 -10.04 -5.93
C TYR B 186 -1.29 -10.87 -4.75
N MET B 187 -0.09 -11.42 -4.94
CA MET B 187 0.51 -12.25 -3.91
C MET B 187 1.33 -11.35 -3.00
N LEU B 188 0.64 -10.68 -2.10
CA LEU B 188 1.27 -9.78 -1.14
C LEU B 188 2.21 -10.60 -0.25
N GLY B 189 3.38 -10.04 0.03
CA GLY B 189 4.48 -10.81 0.61
C GLY B 189 4.70 -10.70 2.10
N THR B 190 3.77 -10.05 2.80
CA THR B 190 3.93 -9.87 4.24
C THR B 190 2.58 -9.80 4.95
N ALA B 191 2.58 -9.85 6.29
CA ALA B 191 1.34 -9.81 7.06
C ALA B 191 0.84 -8.37 7.23
N ALA B 192 0.66 -7.67 6.11
CA ALA B 192 0.26 -6.26 6.14
C ALA B 192 -0.62 -6.01 4.95
N GLY B 193 -0.96 -4.75 4.72
CA GLY B 193 -1.84 -4.47 3.59
C GLY B 193 -3.30 -4.60 4.04
N PRO B 194 -4.23 -4.49 3.11
CA PRO B 194 -5.66 -4.56 3.45
C PRO B 194 -6.11 -5.99 3.86
N HIS B 195 -7.08 -6.06 4.74
CA HIS B 195 -7.79 -7.33 5.00
C HIS B 195 -8.23 -7.91 3.66
N PRO B 196 -8.03 -9.21 3.40
CA PRO B 196 -7.68 -10.24 4.39
C PRO B 196 -6.22 -10.65 4.46
N TYR B 197 -5.32 -9.89 3.85
CA TYR B 197 -3.93 -10.31 3.80
C TYR B 197 -3.24 -10.53 5.18
N PRO B 198 -3.37 -9.60 6.15
CA PRO B 198 -2.71 -9.91 7.43
C PRO B 198 -3.16 -11.22 8.06
N THR B 199 -4.44 -11.57 7.88
CA THR B 199 -4.96 -12.80 8.45
C THR B 199 -4.47 -14.02 7.65
N ILE B 200 -4.56 -13.96 6.33
CA ILE B 200 -4.17 -15.08 5.50
C ILE B 200 -2.70 -15.39 5.68
N VAL B 201 -1.89 -14.33 5.67
CA VAL B 201 -0.43 -14.52 5.76
C VAL B 201 -0.07 -15.16 7.11
N ARG B 202 -0.67 -14.66 8.19
CA ARG B 202 -0.49 -15.34 9.50
C ARG B 202 -0.87 -16.82 9.46
N GLU B 203 -2.04 -17.12 8.87
CA GLU B 203 -2.49 -18.50 8.93
C GLU B 203 -1.62 -19.42 8.08
N PHE B 204 -1.03 -18.86 7.03
CA PHE B 204 -0.16 -19.64 6.14
C PHE B 204 1.32 -19.61 6.54
N GLN B 205 1.63 -18.91 7.65
CA GLN B 205 2.98 -18.89 8.27
C GLN B 205 3.01 -19.53 9.67
N ARG B 206 1.84 -19.86 10.24
CA ARG B 206 1.79 -20.25 11.67
C ARG B 206 2.41 -21.62 11.97
N MET B 207 2.68 -22.42 10.92
CA MET B 207 3.49 -23.65 11.11
C MET B 207 4.85 -23.40 11.75
N ILE B 208 5.40 -22.20 11.53
CA ILE B 208 6.71 -21.86 12.13
C ILE B 208 6.67 -22.00 13.65
N GLY B 209 5.76 -21.28 14.29
CA GLY B 209 5.58 -21.41 15.73
C GLY B 209 5.03 -22.74 16.19
N GLU B 210 4.15 -23.38 15.41
CA GLU B 210 3.58 -24.68 15.82
C GLU B 210 4.71 -25.70 15.87
N GLU B 211 5.57 -25.69 14.85
CA GLU B 211 6.69 -26.63 14.83
C GLU B 211 7.65 -26.30 15.97
N THR B 212 7.98 -25.02 16.11
CA THR B 212 8.88 -24.56 17.20
C THR B 212 8.42 -25.08 18.57
N LYS B 213 7.12 -24.90 18.88
CA LYS B 213 6.58 -25.37 20.16
C LYS B 213 6.79 -26.88 20.35
N ALA B 214 6.47 -27.68 19.33
CA ALA B 214 6.64 -29.13 19.38
C ALA B 214 8.11 -29.51 19.58
N GLN B 215 8.99 -28.81 18.88
CA GLN B 215 10.38 -29.15 18.93
C GLN B 215 11.02 -28.76 20.26
N ILE B 216 10.62 -27.61 20.80
CA ILE B 216 11.20 -27.16 22.06
C ILE B 216 10.65 -28.00 23.22
N LEU B 217 9.38 -28.40 23.15
CA LEU B 217 8.86 -29.35 24.15
C LEU B 217 9.64 -30.67 24.13
N ASP B 218 9.89 -31.19 22.92
CA ASP B 218 10.66 -32.43 22.76
C ASP B 218 12.09 -32.32 23.33
N LYS B 219 12.76 -31.20 23.10
CA LYS B 219 14.18 -31.04 23.48
CA LYS B 219 14.17 -31.06 23.48
C LYS B 219 14.39 -30.53 24.91
N GLU B 220 13.47 -29.72 25.41
CA GLU B 220 13.66 -29.05 26.70
C GLU B 220 12.55 -29.34 27.71
N GLY B 221 11.44 -29.90 27.23
CA GLY B 221 10.34 -30.28 28.14
C GLY B 221 9.57 -29.10 28.67
N ARG B 222 9.75 -27.93 28.03
CA ARG B 222 9.07 -26.72 28.47
C ARG B 222 9.05 -25.70 27.35
N LEU B 223 8.23 -24.66 27.50
CA LEU B 223 8.15 -23.60 26.50
C LEU B 223 9.34 -22.65 26.61
N PRO B 224 9.62 -21.90 25.52
CA PRO B 224 10.71 -20.90 25.60
C PRO B 224 10.35 -19.78 26.57
N ASP B 225 11.37 -19.09 27.08
CA ASP B 225 11.12 -17.88 27.84
C ASP B 225 10.76 -16.74 26.88
N ALA B 226 11.31 -16.78 25.68
CA ALA B 226 10.94 -15.81 24.67
C ALA B 226 11.22 -16.32 23.28
N VAL B 227 10.43 -15.83 22.33
CA VAL B 227 10.73 -16.05 20.88
C VAL B 227 10.96 -14.68 20.26
N ILE B 228 11.94 -14.60 19.38
CA ILE B 228 12.46 -13.33 18.88
C ILE B 228 12.51 -13.36 17.36
N ALA B 229 11.99 -12.33 16.68
CA ALA B 229 11.92 -12.33 15.20
C ALA B 229 12.04 -10.93 14.68
N CYS B 230 12.67 -10.76 13.52
CA CYS B 230 12.71 -9.46 12.89
C CYS B 230 11.35 -9.12 12.27
N VAL B 231 11.12 -7.83 12.09
CA VAL B 231 9.84 -7.28 11.61
C VAL B 231 10.11 -6.33 10.44
N GLY B 232 9.79 -6.78 9.23
CA GLY B 232 9.84 -5.93 8.02
C GLY B 232 8.41 -5.47 7.79
N GLY B 233 7.56 -6.37 7.37
CA GLY B 233 6.12 -6.10 7.38
C GLY B 233 5.42 -6.93 8.46
N GLY B 234 6.03 -8.03 8.91
CA GLY B 234 5.50 -8.81 10.04
C GLY B 234 5.22 -10.27 9.81
N SER B 235 5.54 -10.83 8.62
CA SER B 235 5.09 -12.22 8.40
C SER B 235 5.89 -13.29 9.17
N ASN B 236 7.22 -13.23 9.14
CA ASN B 236 7.95 -14.28 9.87
C ASN B 236 7.69 -14.15 11.37
N ALA B 237 7.60 -12.90 11.85
CA ALA B 237 7.33 -12.70 13.29
C ALA B 237 5.93 -13.21 13.68
N ILE B 238 4.92 -12.88 12.90
CA ILE B 238 3.59 -13.38 13.30
C ILE B 238 3.51 -14.88 13.13
N GLY B 239 4.24 -15.44 12.16
CA GLY B 239 4.29 -16.90 11.97
C GLY B 239 4.86 -17.62 13.18
N MET B 240 5.93 -17.06 13.74
CA MET B 240 6.51 -17.60 14.98
C MET B 240 5.63 -17.35 16.20
N PHE B 241 5.04 -16.16 16.29
CA PHE B 241 4.29 -15.75 17.47
C PHE B 241 2.95 -16.46 17.61
N ALA B 242 2.27 -16.72 16.50
CA ALA B 242 0.84 -17.05 16.58
C ALA B 242 0.46 -18.17 17.58
N ASP B 243 1.16 -19.31 17.49
CA ASP B 243 0.84 -20.44 18.33
C ASP B 243 1.21 -20.24 19.81
N PHE B 244 1.98 -19.19 20.10
CA PHE B 244 2.38 -18.80 21.45
C PHE B 244 1.56 -17.70 22.08
N ILE B 245 0.69 -17.04 21.32
CA ILE B 245 -0.05 -15.88 21.85
C ILE B 245 -0.81 -16.24 23.13
N ASN B 246 -1.45 -17.40 23.16
CA ASN B 246 -2.18 -17.80 24.36
C ASN B 246 -1.33 -18.45 25.47
N ASP B 247 -0.04 -18.64 25.22
CA ASP B 247 0.89 -19.11 26.27
C ASP B 247 1.50 -17.89 26.93
N THR B 248 0.81 -17.41 27.97
CA THR B 248 1.07 -16.08 28.53
C THR B 248 2.48 -15.88 29.09
N SER B 249 3.14 -16.99 29.44
CA SER B 249 4.51 -16.99 29.96
CA SER B 249 4.49 -16.84 29.97
C SER B 249 5.58 -16.74 28.90
N VAL B 250 5.22 -16.93 27.63
CA VAL B 250 6.21 -16.88 26.55
C VAL B 250 6.28 -15.46 26.06
N GLY B 251 7.44 -14.85 26.23
CA GLY B 251 7.69 -13.50 25.67
C GLY B 251 7.70 -13.53 24.15
N LEU B 252 7.16 -12.47 23.55
CA LEU B 252 7.16 -12.29 22.11
C LEU B 252 7.90 -11.01 21.82
N ILE B 253 9.06 -11.10 21.18
CA ILE B 253 9.90 -9.93 20.94
C ILE B 253 10.08 -9.76 19.45
N GLY B 254 9.63 -8.61 18.93
CA GLY B 254 9.85 -8.22 17.53
C GLY B 254 10.92 -7.16 17.37
N VAL B 255 11.74 -7.31 16.35
CA VAL B 255 12.91 -6.46 16.17
C VAL B 255 12.81 -5.67 14.88
N GLU B 256 12.63 -4.37 15.00
CA GLU B 256 12.59 -3.45 13.84
C GLU B 256 14.00 -2.97 13.50
N PRO B 257 14.23 -2.59 12.23
CA PRO B 257 15.54 -2.05 11.85
C PRO B 257 15.78 -0.65 12.37
N GLY B 258 16.92 -0.47 13.04
CA GLY B 258 17.31 0.84 13.54
C GLY B 258 18.15 1.60 12.55
N GLY B 259 18.52 0.95 11.45
CA GLY B 259 19.32 1.63 10.40
C GLY B 259 20.61 2.27 10.91
N HIS B 260 20.79 3.56 10.64
CA HIS B 260 21.97 4.28 11.13
C HIS B 260 21.81 4.74 12.57
N GLY B 261 20.67 4.43 13.17
CA GLY B 261 20.37 4.89 14.54
C GLY B 261 19.04 5.63 14.53
N ILE B 262 18.16 5.33 15.48
CA ILE B 262 16.84 6.01 15.55
C ILE B 262 16.98 7.53 15.50
N GLU B 263 17.94 8.08 16.25
CA GLU B 263 18.17 9.51 16.30
C GLU B 263 18.52 10.18 14.95
N THR B 264 19.03 9.39 14.00
CA THR B 264 19.33 9.91 12.66
C THR B 264 18.10 10.08 11.78
N GLY B 265 17.00 9.44 12.15
CA GLY B 265 15.82 9.37 11.28
C GLY B 265 15.94 8.42 10.12
N GLU B 266 17.11 7.78 10.00
CA GLU B 266 17.38 6.80 8.94
C GLU B 266 17.21 5.41 9.54
N HIS B 267 15.96 4.92 9.55
CA HIS B 267 15.59 3.65 10.18
C HIS B 267 14.32 3.17 9.55
N GLY B 268 13.84 2.02 10.01
CA GLY B 268 12.58 1.46 9.57
C GLY B 268 11.78 0.96 10.75
N ALA B 269 11.58 1.80 11.77
CA ALA B 269 11.01 1.33 13.04
C ALA B 269 9.73 2.12 13.37
N PRO B 270 8.70 2.01 12.51
CA PRO B 270 7.47 2.79 12.73
C PRO B 270 6.66 2.35 13.94
N LEU B 271 6.74 1.06 14.32
CA LEU B 271 5.91 0.57 15.42
C LEU B 271 6.29 1.38 16.70
N LYS B 272 7.59 1.60 16.90
CA LYS B 272 8.00 2.29 18.11
C LYS B 272 8.32 3.78 17.90
N HIS B 273 8.47 4.20 16.66
CA HIS B 273 8.93 5.59 16.37
C HIS B 273 8.14 6.31 15.33
N GLY B 274 7.10 5.65 14.82
CA GLY B 274 6.21 6.29 13.86
C GLY B 274 4.94 6.75 14.56
N ARG B 275 3.91 6.99 13.78
CA ARG B 275 2.58 7.24 14.36
C ARG B 275 1.51 6.75 13.40
N VAL B 276 0.34 6.50 13.94
CA VAL B 276 -0.69 5.83 13.16
CA VAL B 276 -0.72 5.85 13.16
C VAL B 276 -1.10 6.66 11.94
N GLY B 277 -1.26 5.97 10.80
CA GLY B 277 -1.64 6.62 9.54
C GLY B 277 -2.41 5.62 8.70
N ILE B 278 -2.80 6.04 7.49
CA ILE B 278 -3.48 5.16 6.53
C ILE B 278 -2.65 5.15 5.23
N TYR B 279 -2.17 3.96 4.87
CA TYR B 279 -1.35 3.79 3.67
C TYR B 279 -1.27 2.29 3.38
N PHE B 280 -1.05 1.93 2.12
CA PHE B 280 -0.91 0.52 1.68
C PHE B 280 -2.13 -0.29 2.13
N GLY B 281 -3.31 0.33 2.13
CA GLY B 281 -4.56 -0.39 2.43
C GLY B 281 -4.90 -0.64 3.87
N MET B 282 -4.12 -0.09 4.79
CA MET B 282 -4.29 -0.38 6.20
C MET B 282 -4.13 0.86 7.06
N LYS B 283 -4.73 0.82 8.25
CA LYS B 283 -4.45 1.79 9.29
C LYS B 283 -3.42 1.12 10.21
N ALA B 284 -2.23 1.71 10.28
CA ALA B 284 -1.12 1.11 10.99
C ALA B 284 -0.12 2.22 11.34
N PRO B 285 0.79 1.95 12.29
CA PRO B 285 1.92 2.87 12.54
C PRO B 285 2.75 3.06 11.27
N MET B 286 3.10 4.32 10.96
CA MET B 286 3.98 4.54 9.85
C MET B 286 4.91 5.71 10.09
N MET B 287 6.03 5.67 9.40
CA MET B 287 6.94 6.79 9.35
C MET B 287 6.32 7.85 8.43
N GLN B 288 6.04 9.03 9.00
CA GLN B 288 5.40 10.11 8.24
C GLN B 288 5.89 11.46 8.67
N THR B 289 5.83 12.41 7.74
CA THR B 289 6.17 13.78 8.07
C THR B 289 5.07 14.42 8.95
N ALA B 290 5.37 15.61 9.48
CA ALA B 290 4.37 16.30 10.29
C ALA B 290 3.05 16.53 9.52
N ASP B 291 3.16 16.78 8.21
CA ASP B 291 2.00 16.97 7.31
C ASP B 291 1.29 15.71 6.87
N GLY B 292 1.84 14.54 7.21
CA GLY B 292 1.20 13.26 6.80
C GLY B 292 1.68 12.73 5.46
N GLN B 293 2.80 13.26 4.94
CA GLN B 293 3.44 12.58 3.79
C GLN B 293 4.14 11.32 4.34
N ILE B 294 4.18 10.25 3.56
CA ILE B 294 4.84 9.00 3.98
C ILE B 294 6.34 9.18 3.82
N GLU B 295 7.08 8.91 4.90
CA GLU B 295 8.55 9.06 4.89
C GLU B 295 9.21 7.87 4.21
N GLU B 296 10.39 8.11 3.64
CA GLU B 296 11.22 6.98 3.18
C GLU B 296 11.91 6.36 4.39
N SER B 297 11.86 5.03 4.45
CA SER B 297 12.58 4.28 5.48
C SER B 297 14.04 4.06 5.03
N TYR B 298 14.83 3.46 5.92
CA TYR B 298 16.18 3.03 5.57
C TYR B 298 16.56 1.83 6.46
N SER B 299 17.20 0.83 5.86
CA SER B 299 17.90 -0.22 6.57
C SER B 299 18.98 -0.78 5.66
N ILE B 300 20.08 -1.23 6.25
CA ILE B 300 21.04 -2.03 5.47
C ILE B 300 20.36 -3.26 4.84
N SER B 301 19.32 -3.79 5.48
CA SER B 301 18.57 -4.94 4.98
CA SER B 301 18.65 -4.96 4.96
CA SER B 301 18.63 -4.96 4.98
C SER B 301 17.40 -4.56 4.14
N ALA B 302 17.39 -4.94 2.86
CA ALA B 302 16.28 -4.61 1.96
C ALA B 302 14.94 -5.14 2.46
N GLY B 303 14.92 -6.31 3.11
CA GLY B 303 13.65 -6.89 3.54
C GLY B 303 13.01 -6.21 4.73
N LEU B 304 13.79 -5.40 5.45
CA LEU B 304 13.24 -4.62 6.55
C LEU B 304 12.95 -3.17 6.24
N ASP B 305 13.34 -2.73 5.04
CA ASP B 305 13.37 -1.31 4.62
C ASP B 305 11.97 -0.92 4.14
N PHE B 306 11.06 -0.72 5.09
CA PHE B 306 9.64 -0.46 4.79
C PHE B 306 9.13 0.46 5.91
N PRO B 307 8.42 1.54 5.55
CA PRO B 307 8.04 2.53 6.58
C PRO B 307 6.76 2.22 7.37
N SER B 308 6.21 1.02 7.28
CA SER B 308 5.06 0.68 8.10
C SER B 308 5.25 -0.73 8.65
N VAL B 309 4.16 -1.35 9.09
CA VAL B 309 4.21 -2.61 9.80
C VAL B 309 2.81 -3.17 9.82
N GLY B 310 2.69 -4.49 9.87
CA GLY B 310 1.37 -5.14 9.89
C GLY B 310 0.55 -4.85 11.13
N PRO B 311 -0.78 -4.82 10.95
CA PRO B 311 -1.61 -4.29 12.03
C PRO B 311 -1.72 -5.22 13.25
N GLN B 312 -1.50 -6.52 13.09
CA GLN B 312 -1.61 -7.39 14.25
C GLN B 312 -0.41 -7.09 15.20
N HIS B 313 0.76 -6.73 14.66
CA HIS B 313 1.89 -6.30 15.53
C HIS B 313 1.59 -5.02 16.25
N ALA B 314 1.02 -4.06 15.54
CA ALA B 314 0.63 -2.82 16.24
C ALA B 314 -0.35 -3.10 17.41
N TYR B 315 -1.30 -4.02 17.19
CA TYR B 315 -2.24 -4.43 18.22
C TYR B 315 -1.56 -5.17 19.38
N LEU B 316 -0.76 -6.17 19.07
CA LEU B 316 -0.05 -6.91 20.14
C LEU B 316 0.81 -6.00 21.00
N ASN B 317 1.44 -5.04 20.37
CA ASN B 317 2.17 -4.06 21.12
C ASN B 317 1.28 -3.23 22.01
N SER B 318 0.19 -2.72 21.46
CA SER B 318 -0.70 -1.82 22.19
CA SER B 318 -0.69 -1.82 22.20
C SER B 318 -1.20 -2.40 23.52
N ILE B 319 -1.50 -3.72 23.53
CA ILE B 319 -2.01 -4.42 24.71
C ILE B 319 -0.88 -4.97 25.58
N GLY B 320 0.37 -4.77 25.16
CA GLY B 320 1.53 -5.27 25.89
C GLY B 320 1.81 -6.77 25.75
N ARG B 321 1.13 -7.46 24.82
CA ARG B 321 1.40 -8.90 24.69
C ARG B 321 2.74 -9.19 24.00
N ALA B 322 3.15 -8.29 23.09
CA ALA B 322 4.47 -8.39 22.47
C ALA B 322 5.23 -7.10 22.72
N ASP B 323 6.56 -7.23 22.81
CA ASP B 323 7.46 -6.09 22.96
C ASP B 323 8.25 -5.94 21.69
N TYR B 324 8.46 -4.70 21.31
CA TYR B 324 9.23 -4.38 20.11
C TYR B 324 10.44 -3.50 20.44
N VAL B 325 11.55 -3.83 19.78
CA VAL B 325 12.86 -3.21 19.99
C VAL B 325 13.46 -2.91 18.63
N SER B 326 14.62 -2.26 18.60
CA SER B 326 15.31 -1.98 17.33
C SER B 326 16.76 -2.40 17.45
N ILE B 327 17.32 -2.73 16.30
CA ILE B 327 18.72 -3.14 16.16
C ILE B 327 19.31 -2.34 14.98
N THR B 328 20.48 -1.77 15.18
CA THR B 328 21.08 -0.95 14.09
C THR B 328 21.82 -1.79 13.04
N ASP B 329 22.16 -1.15 11.92
CA ASP B 329 22.95 -1.80 10.86
C ASP B 329 24.18 -2.44 11.47
N ASP B 330 24.91 -1.69 12.29
CA ASP B 330 26.16 -2.25 12.81
C ASP B 330 25.95 -3.42 13.74
N GLU B 331 24.88 -3.39 14.53
CA GLU B 331 24.61 -4.51 15.44
C GLU B 331 24.23 -5.75 14.59
N ALA B 332 23.47 -5.52 13.53
CA ALA B 332 23.09 -6.63 12.66
C ALA B 332 24.32 -7.26 11.96
N LEU B 333 25.21 -6.42 11.46
CA LEU B 333 26.43 -6.90 10.81
C LEU B 333 27.28 -7.73 11.79
N GLU B 334 27.40 -7.27 13.03
CA GLU B 334 28.05 -8.07 13.99
CA GLU B 334 28.15 -8.08 14.02
C GLU B 334 27.54 -9.45 14.27
N ALA B 335 26.21 -9.52 14.36
CA ALA B 335 25.51 -10.79 14.58
C ALA B 335 25.70 -11.71 13.37
N PHE B 336 25.66 -11.14 12.16
CA PHE B 336 25.91 -11.86 10.89
C PHE B 336 27.29 -12.53 10.97
N LYS B 337 28.31 -11.72 11.29
CA LYS B 337 29.69 -12.22 11.36
C LYS B 337 29.82 -13.32 12.43
N THR B 338 29.24 -13.05 13.59
CA THR B 338 29.27 -14.00 14.71
C THR B 338 28.68 -15.38 14.37
N LEU B 339 27.51 -15.38 13.71
CA LEU B 339 26.88 -16.67 13.37
C LEU B 339 27.71 -17.40 12.31
N CYS B 340 28.19 -16.67 11.29
CA CYS B 340 29.04 -17.32 10.27
C CYS B 340 30.23 -18.01 10.91
N ARG B 341 30.90 -17.28 11.81
CA ARG B 341 32.21 -17.76 12.30
C ARG B 341 32.12 -18.76 13.43
N HIS B 342 31.03 -18.73 14.18
CA HIS B 342 30.94 -19.58 15.35
C HIS B 342 29.90 -20.64 15.28
N GLU B 343 29.00 -20.58 14.29
CA GLU B 343 28.00 -21.66 14.15
C GLU B 343 27.98 -22.24 12.75
N GLY B 344 28.69 -21.62 11.81
CA GLY B 344 28.73 -22.10 10.43
C GLY B 344 27.41 -21.95 9.71
N ILE B 345 26.68 -20.89 10.03
CA ILE B 345 25.38 -20.62 9.38
C ILE B 345 25.48 -19.16 8.89
N ILE B 346 25.19 -18.91 7.61
CA ILE B 346 25.26 -17.55 7.04
C ILE B 346 23.80 -17.07 7.01
N PRO B 347 23.42 -16.15 7.90
CA PRO B 347 22.00 -15.76 8.03
C PRO B 347 21.71 -14.56 7.11
N ALA B 348 20.47 -14.43 6.68
CA ALA B 348 20.06 -13.21 5.98
C ALA B 348 20.32 -12.02 6.94
N LEU B 349 20.62 -10.86 6.37
CA LEU B 349 20.76 -9.62 7.15
C LEU B 349 19.49 -9.26 7.91
N GLU B 350 18.32 -9.61 7.37
CA GLU B 350 17.06 -9.37 8.09
C GLU B 350 17.09 -10.17 9.42
N SER B 351 17.32 -11.48 9.31
CA SER B 351 17.34 -12.42 10.43
C SER B 351 18.44 -12.03 11.42
N SER B 352 19.52 -11.45 10.91
CA SER B 352 20.63 -10.97 11.76
C SER B 352 20.17 -9.94 12.76
N HIS B 353 19.13 -9.19 12.41
CA HIS B 353 18.58 -8.24 13.41
C HIS B 353 18.00 -8.95 14.60
N ALA B 354 17.26 -10.04 14.40
CA ALA B 354 16.67 -10.85 15.49
C ALA B 354 17.80 -11.48 16.33
N LEU B 355 18.76 -12.11 15.65
CA LEU B 355 19.90 -12.68 16.34
C LEU B 355 20.66 -11.63 17.17
N ALA B 356 20.89 -10.46 16.59
CA ALA B 356 21.59 -9.37 17.34
C ALA B 356 20.88 -9.02 18.63
N HIS B 357 19.56 -8.97 18.59
CA HIS B 357 18.87 -8.70 19.84
C HIS B 357 18.99 -9.83 20.87
N ALA B 358 18.90 -11.08 20.42
CA ALA B 358 19.09 -12.22 21.33
C ALA B 358 20.49 -12.20 21.95
N LEU B 359 21.50 -11.85 21.14
CA LEU B 359 22.89 -11.75 21.64
C LEU B 359 23.00 -10.65 22.66
N LYS B 360 22.30 -9.54 22.44
CA LYS B 360 22.25 -8.47 23.47
C LYS B 360 21.56 -8.93 24.77
N MET B 361 20.43 -9.63 24.66
CA MET B 361 19.75 -10.16 25.85
C MET B 361 20.69 -11.04 26.70
N MET B 362 21.51 -11.83 26.01
CA MET B 362 22.51 -12.66 26.67
C MET B 362 23.65 -11.84 27.27
N ARG B 363 24.27 -10.99 26.44
CA ARG B 363 25.45 -10.24 26.86
C ARG B 363 25.14 -9.25 27.99
N GLU B 364 23.95 -8.63 27.94
CA GLU B 364 23.61 -7.62 28.95
C GLU B 364 23.42 -8.26 30.34
N GLN B 365 22.91 -9.48 30.37
CA GLN B 365 22.60 -10.14 31.60
C GLN B 365 23.07 -11.60 31.52
N PRO B 366 24.38 -11.82 31.63
CA PRO B 366 24.92 -13.12 31.25
C PRO B 366 24.68 -14.23 32.25
N GLU B 367 24.26 -13.86 33.46
CA GLU B 367 23.85 -14.85 34.46
C GLU B 367 22.34 -15.01 34.60
N LYS B 368 21.57 -14.42 33.67
CA LYS B 368 20.13 -14.63 33.65
C LYS B 368 19.82 -15.96 32.98
N GLU B 369 19.12 -16.85 33.67
CA GLU B 369 18.72 -18.10 33.04
C GLU B 369 17.59 -17.81 32.03
N GLN B 370 17.82 -18.12 30.76
CA GLN B 370 16.81 -17.85 29.75
C GLN B 370 16.94 -18.80 28.58
N LEU B 371 15.79 -19.32 28.17
CA LEU B 371 15.68 -20.21 27.01
C LEU B 371 15.02 -19.40 25.91
N LEU B 372 15.80 -19.15 24.86
CA LEU B 372 15.39 -18.26 23.77
C LEU B 372 15.32 -18.99 22.45
N VAL B 373 14.35 -18.63 21.59
CA VAL B 373 14.34 -19.09 20.20
C VAL B 373 14.39 -17.85 19.29
N VAL B 374 15.32 -17.82 18.35
CA VAL B 374 15.34 -16.82 17.29
C VAL B 374 14.84 -17.46 16.01
N ASN B 375 13.93 -16.75 15.33
CA ASN B 375 13.46 -17.24 14.04
C ASN B 375 14.53 -16.83 13.02
N LEU B 376 15.25 -17.82 12.48
CA LEU B 376 16.29 -17.51 11.50
C LEU B 376 15.54 -17.54 10.16
N SER B 377 14.97 -16.41 9.81
CA SER B 377 14.03 -16.34 8.71
C SER B 377 14.56 -16.67 7.32
N GLY B 378 15.86 -16.43 7.08
CA GLY B 378 16.45 -16.76 5.77
C GLY B 378 17.94 -16.92 5.80
N ARG B 379 18.48 -17.45 4.70
CA ARG B 379 19.92 -17.58 4.56
C ARG B 379 20.46 -16.33 3.91
N GLY B 380 21.78 -16.13 4.03
CA GLY B 380 22.40 -14.87 3.65
C GLY B 380 23.13 -14.85 2.34
N ASP B 381 22.94 -15.88 1.50
CA ASP B 381 23.59 -15.91 0.17
C ASP B 381 23.34 -14.61 -0.61
N LYS B 382 22.14 -14.07 -0.50
CA LYS B 382 21.76 -12.84 -1.21
C LYS B 382 22.54 -11.60 -0.74
N ASP B 383 23.14 -11.69 0.45
CA ASP B 383 23.76 -10.57 1.13
C ASP B 383 25.26 -10.62 1.09
N ILE B 384 25.85 -11.71 0.61
CA ILE B 384 27.31 -11.87 0.79
C ILE B 384 28.14 -10.81 0.07
N PHE B 385 27.66 -10.36 -1.10
CA PHE B 385 28.42 -9.34 -1.84
C PHE B 385 28.30 -7.97 -1.17
N THR B 386 27.13 -7.66 -0.60
CA THR B 386 26.94 -6.43 0.16
C THR B 386 27.79 -6.40 1.42
N VAL B 387 27.76 -7.49 2.19
CA VAL B 387 28.54 -7.59 3.42
C VAL B 387 30.05 -7.52 3.11
N HIS B 388 30.51 -8.25 2.10
CA HIS B 388 31.91 -8.15 1.68
C HIS B 388 32.33 -6.73 1.45
N ASP B 389 31.57 -5.99 0.64
CA ASP B 389 31.93 -4.61 0.27
C ASP B 389 31.97 -3.66 1.46
N ILE B 390 31.10 -3.90 2.45
CA ILE B 390 31.14 -3.11 3.67
C ILE B 390 32.39 -3.41 4.49
N LEU B 391 32.65 -4.70 4.75
CA LEU B 391 33.76 -5.07 5.63
C LEU B 391 35.10 -4.71 5.00
N LYS B 392 35.13 -4.62 3.66
CA LYS B 392 36.31 -4.17 2.94
C LYS B 392 36.53 -2.66 3.12
N ALA B 393 35.46 -1.88 2.94
CA ALA B 393 35.54 -0.40 3.01
C ALA B 393 35.92 0.13 4.38
N ARG B 394 35.50 -0.56 5.42
CA ARG B 394 35.77 -0.23 6.81
C ARG B 394 37.07 -0.95 7.23
N GLY B 395 37.81 -1.32 6.21
CA GLY B 395 39.08 -1.93 6.37
C GLY B 395 39.32 -3.29 7.01
N GLU B 396 38.42 -4.24 6.99
CA GLU B 396 38.80 -5.48 7.65
C GLU B 396 39.57 -6.43 6.73
C1 F9F C . -9.52 8.61 -8.04
C2 F9F C . -10.78 9.23 -8.20
C3 F9F C . -10.85 10.47 -8.85
C4 F9F C . -9.71 11.14 -9.33
C5 F9F C . -8.47 10.48 -9.16
C6 F9F C . -8.36 9.24 -8.51
O7 F9F C . -9.33 7.39 -7.43
C8 F9F C . -10.42 6.58 -6.99
F9F F9F C . -11.20 6.31 -8.01
F10 F9F C . -9.89 5.48 -6.52
F11 F9F C . -11.11 7.22 -6.08
S12 F9F C . -9.84 12.58 -10.10
N13 F9F C . -8.88 12.55 -11.37
C14 F9F C . -9.18 11.49 -12.34
C15 F9F C . -8.62 11.80 -13.70
O16 F9F C . -8.51 10.64 -14.52
P17 F9F C . -7.58 10.80 -15.86
O18 F9F C . -8.33 11.76 -16.78
O19 F9F C . -6.26 11.40 -15.41
O20 F9F C . -7.46 9.41 -16.43
O21 F9F C . -9.55 13.65 -9.20
O22 F9F C . -11.18 12.69 -10.62
CL CL D . -13.35 5.50 13.42
N1 1D0 E . 13.53 -12.31 6.71
C2 1D0 E . 7.04 -7.21 1.54
C4 1D0 E . 6.33 -5.33 2.90
C5 1D0 E . 7.38 -5.58 3.78
C6 1D0 E . 8.26 -6.63 3.56
O 1D0 E . 6.90 -8.07 0.49
C3 1D0 E . 6.14 -6.15 1.78
C1 1D0 E . 8.14 -7.46 2.46
N 1D0 E . 9.02 -8.47 2.18
O3P 1D0 E . 8.47 -9.10 8.28
P 1D0 E . 8.54 -10.13 7.19
O1P 1D0 E . 7.28 -10.12 6.34
O2P 1D0 E . 8.92 -11.48 7.71
O4P 1D0 E . 9.76 -9.65 6.23
C5M 1D0 E . 11.11 -9.38 6.74
C51 1D0 E . 12.04 -10.47 6.24
C61 1D0 E . 12.68 -11.35 7.10
C41 1D0 E . 12.28 -10.63 4.79
C31 1D0 E . 13.20 -11.74 4.39
O3 1D0 E . 13.48 -11.97 3.10
C21 1D0 E . 13.81 -12.55 5.43
C2A 1D0 E . 14.74 -13.67 5.01
C4A 1D0 E . 11.71 -9.70 3.81
N2 1D0 E . 11.82 -9.94 2.57
CA 1D0 E . 11.22 -9.28 1.67
C 1D0 E . 11.26 -9.84 0.33
O1 1D0 E . 11.92 -10.88 0.13
OXT 1D0 E . 10.57 -9.29 -0.55
CB 1D0 E . 10.41 -8.05 1.97
N1 BCN F . 5.30 -10.34 28.17
C1 BCN F . 4.34 -9.30 28.60
C2 BCN F . 2.91 -9.73 28.33
O21 BCN F . 1.97 -9.15 28.92
O22 BCN F . 2.70 -10.65 27.52
C3 BCN F . 6.47 -9.69 27.52
C4 BCN F . 6.37 -9.61 25.97
O4 BCN F . 5.76 -10.76 25.40
C5 BCN F . 5.71 -11.09 29.37
C6 BCN F . 5.99 -12.58 29.08
O6 BCN F . 5.00 -13.11 28.20
C1 PEG G . -17.12 -10.74 10.77
O1 PEG G . -18.31 -11.00 11.52
C2 PEG G . -16.93 -9.24 10.56
O2 PEG G . -16.89 -8.51 11.79
C3 PEG G . -15.99 -9.07 12.75
C4 PEG G . -16.53 -8.83 14.15
O4 PEG G . -16.28 -7.47 14.51
C1 PEG H . 24.15 1.17 19.20
O1 PEG H . 22.74 0.82 19.24
C2 PEG H . 24.90 0.36 18.13
O2 PEG H . 26.08 -0.29 18.65
C3 PEG H . 26.98 -0.74 17.62
C4 PEG H . 27.74 -2.01 18.00
O4 PEG H . 27.59 -3.06 17.01
C1 PEG I . 8.45 -31.12 13.80
O1 PEG I . 7.37 -30.50 14.51
C2 PEG I . 9.17 -32.16 14.67
O2 PEG I . 8.34 -32.59 15.74
C3 PEG I . 8.85 -32.23 17.03
C4 PEG I . 8.79 -33.40 17.99
O4 PEG I . 7.42 -33.67 18.34
C1 PEG J . 11.52 -34.20 27.53
O1 PEG J . 10.37 -33.80 26.77
C2 PEG J . 12.60 -33.13 27.43
O2 PEG J . 13.71 -33.47 28.25
C3 PEG J . 14.46 -32.32 28.66
C4 PEG J . 14.84 -32.45 30.13
O4 PEG J . 13.88 -31.75 30.94
CL CL K . -11.33 -11.03 16.16
CL CL L . -6.88 -10.42 17.30
CL CL M . -13.02 -0.17 14.15
CL CL N . -14.32 -6.93 18.38
CL CL O . -15.29 -3.72 -9.16
CL CL P . 24.03 4.29 16.68
CS CS Q . 9.62 -2.08 9.04
CS CS Q . 8.58 -2.60 11.34
CS CS R . 24.99 -21.64 27.61
#